data_6J74
#
_entry.id   6J74
#
_cell.length_a   119.218
_cell.length_b   119.218
_cell.length_c   212.577
_cell.angle_alpha   90.00
_cell.angle_beta   90.00
_cell.angle_gamma   90.00
#
_symmetry.space_group_name_H-M   'P 41 21 2'
#
loop_
_entity.id
_entity.type
_entity.pdbx_description
1 polymer 'Protein prenyltransferase alpha subunit repeat-containing protein 1'
2 polymer 'Geranylgeranyl transferase type-2 subunit beta'
3 polymer 'Synaptobrevin homolog YKT6'
4 non-polymer 'PHOSPHATE ION'
5 non-polymer 'ZINC ION'
#
loop_
_entity_poly.entity_id
_entity_poly.type
_entity_poly.pdbx_seq_one_letter_code
_entity_poly.pdbx_strand_id
1 'polypeptide(L)'
;MAETSEEVAVLVQRVVKDITNAFRRNPHIDEIGLIPCPEARYNRSPIVLVENKLGVESWCVKFLLPYVHNKLLLYRTRKQ
WLNRDELIDVTCTLLLLNPDFTTAWNVRKELILSGTLNPIKDLHLGKLALTKFPKSPETWIHRRWVLQQLIQETSLPSFV
TKGNLGTIPTERAQRLIQEEMEVCGEAAGRYPSNYNAWSHRIWVLQHLAKLDVKILLDELSSTKHWASMHVSDHSGFHYR
QFLLKSLISQTVIDSSVMEQNPLRSEPALVPPKDEEAAVSTEEPRINLPHLLEEEVEFSTDLIDSYPGHETLWCHRRHIF
YLQHHLN
;
A
2 'polypeptide(L)'
;GPLGSMGTPQKDVIIKSDAPDTLLLEKHADYIASYGSKKDDYEYCMSEYLRMSGIYWGLTVMDLMGQLHRMNREEILAFI
KSCQHECGGISASIGHDPHLLYTLSAVQILTLYDSINVIDVNKVVEYVKGLQKEDGSFAGDIWGEIDTRFSFCAVATLAL
LGKLDAINVEKAIEFVLSCMNFDGGFGCRPGSESHAGQIYCCTGFLAITSQLHQVNSDLLGWWLCERQLPSGGLNGRPEK
LPDVCYSWWVLASLKIIGRLHWIDREKLRNFILACQDEETGGFADRPGDMVDPFHTLFGIAGLSLLGEEQIKPVNPVFCM
PEEVLQRVNVQPELVS
;
B
3 'polypeptide(L)'
;MKLYSLSVLYKGEAKVVLLKAAYDVSSFSFFQRSSVQEFMTFTSQLIVERSSKGTRASVKEQDYLCHVYVRNDSLAGVVI
ADNEYPSRVAFTLLEKVLDEFSKQVDRIDWPVGSPATIHYPALDGHLSRYQNPREADPMTKVQAELDETKIILHNTMESL
LERGEKLDDLVSKSEVLGTQSKAFYKTARKQNSCCAIM
;
C
#
loop_
_chem_comp.id
_chem_comp.type
_chem_comp.name
_chem_comp.formula
PO4 non-polymer 'PHOSPHATE ION' 'O4 P -3'
ZN non-polymer 'ZINC ION' 'Zn 2'
#
# COMPACT_ATOMS: atom_id res chain seq x y z
N GLU A 7 6.08 23.58 30.06
CA GLU A 7 6.98 22.46 30.34
C GLU A 7 6.82 21.36 29.30
N VAL A 8 5.73 21.42 28.53
CA VAL A 8 5.48 20.43 27.50
C VAL A 8 6.45 20.62 26.33
N ALA A 9 6.86 21.87 26.10
CA ALA A 9 7.81 22.18 25.04
C ALA A 9 9.21 21.75 25.40
N VAL A 10 9.46 21.62 26.71
CA VAL A 10 10.77 21.19 27.20
C VAL A 10 10.99 19.70 26.92
N LEU A 11 9.92 18.92 27.05
CA LEU A 11 9.98 17.49 26.80
C LEU A 11 10.39 17.19 25.36
N VAL A 12 9.82 17.93 24.42
CA VAL A 12 10.07 17.68 23.00
C VAL A 12 11.51 17.96 22.61
N GLN A 13 12.08 19.04 23.15
CA GLN A 13 13.45 19.41 22.84
C GLN A 13 14.43 18.34 23.34
N ARG A 14 14.04 17.64 24.39
CA ARG A 14 14.85 16.55 24.92
C ARG A 14 14.91 15.37 23.96
N VAL A 15 13.75 15.03 23.38
CA VAL A 15 13.64 13.86 22.51
C VAL A 15 14.39 14.05 21.20
N VAL A 16 14.22 15.22 20.58
CA VAL A 16 14.89 15.50 19.31
C VAL A 16 16.40 15.52 19.48
N LYS A 17 16.86 15.74 20.70
CA LYS A 17 18.27 15.60 21.04
C LYS A 17 18.60 14.13 21.22
N ASP A 18 17.69 13.40 21.88
CA ASP A 18 17.88 11.98 22.11
C ASP A 18 17.89 11.20 20.80
N ILE A 19 17.13 11.67 19.81
CA ILE A 19 17.10 11.06 18.50
C ILE A 19 18.36 11.41 17.71
N THR A 20 18.75 12.69 17.78
CA THR A 20 19.94 13.15 17.08
C THR A 20 21.19 12.49 17.66
N ASN A 21 21.22 12.33 18.97
CA ASN A 21 22.35 11.66 19.64
C ASN A 21 22.29 10.16 19.51
N ALA A 22 21.14 9.63 19.10
CA ALA A 22 20.98 8.19 18.87
C ALA A 22 21.80 7.76 17.66
N PHE A 23 21.96 8.69 16.72
CA PHE A 23 22.80 8.44 15.55
C PHE A 23 24.27 8.60 15.92
N ARG A 24 24.53 9.36 16.97
CA ARG A 24 25.87 9.48 17.53
C ARG A 24 26.24 8.18 18.22
N ARG A 25 25.24 7.56 18.86
CA ARG A 25 25.41 6.26 19.50
C ARG A 25 25.82 5.22 18.48
N ASN A 26 24.98 5.02 17.48
CA ASN A 26 25.24 4.04 16.42
C ASN A 26 24.85 4.61 15.05
N PRO A 27 25.83 4.75 14.16
CA PRO A 27 25.60 5.26 12.80
C PRO A 27 24.65 4.38 12.00
N HIS A 28 24.99 3.10 11.87
CA HIS A 28 24.18 2.16 11.11
C HIS A 28 23.01 1.60 11.93
N ILE A 29 21.90 2.34 11.92
CA ILE A 29 20.67 1.91 12.57
C ILE A 29 19.84 1.08 11.60
N ASP A 30 19.35 -0.08 12.06
CA ASP A 30 18.58 -0.97 11.19
C ASP A 30 17.22 -0.39 10.82
N GLU A 31 16.32 -0.28 11.79
CA GLU A 31 14.98 0.22 11.52
C GLU A 31 14.40 1.03 12.67
N ILE A 32 13.36 1.80 12.37
CA ILE A 32 12.66 2.58 13.38
C ILE A 32 11.24 2.05 13.57
N GLY A 33 10.89 1.71 14.81
CA GLY A 33 9.59 1.14 15.10
C GLY A 33 8.78 1.95 16.09
N LEU A 34 7.69 1.34 16.57
CA LEU A 34 6.79 2.02 17.51
C LEU A 34 6.28 1.03 18.56
N ILE A 35 6.46 1.40 19.83
CA ILE A 35 6.01 0.54 20.93
C ILE A 35 4.85 1.18 21.69
N PRO A 36 3.86 0.35 22.08
CA PRO A 36 2.67 0.83 22.80
C PRO A 36 2.92 1.08 24.29
N CYS A 37 3.34 2.30 24.62
CA CYS A 37 3.44 2.71 26.02
C CYS A 37 2.35 3.72 26.30
N PRO A 38 1.23 3.26 26.89
CA PRO A 38 0.02 4.06 27.13
C PRO A 38 0.29 5.35 27.90
N GLU A 39 1.29 5.33 28.76
CA GLU A 39 1.67 6.54 29.50
C GLU A 39 3.18 6.59 29.69
N ALA A 40 3.71 7.80 29.89
CA ALA A 40 5.14 8.02 30.01
C ALA A 40 5.76 7.29 31.19
N ARG A 41 6.96 6.74 30.97
CA ARG A 41 7.72 6.12 32.04
C ARG A 41 8.58 7.17 32.74
N TYR A 42 8.76 7.03 34.05
CA TYR A 42 9.40 8.07 34.85
C TYR A 42 10.86 8.29 34.49
N ASN A 43 11.16 9.52 34.09
CA ASN A 43 12.52 9.95 33.75
C ASN A 43 13.19 9.06 32.71
N ARG A 44 12.38 8.49 31.82
CA ARG A 44 12.88 7.65 30.75
C ARG A 44 12.52 8.24 29.39
N SER A 45 13.54 8.44 28.55
CA SER A 45 13.33 9.01 27.22
C SER A 45 12.39 8.12 26.42
N PRO A 46 11.42 8.75 25.73
CA PRO A 46 10.41 8.03 24.94
C PRO A 46 11.05 7.22 23.81
N ILE A 47 12.23 7.64 23.36
CA ILE A 47 12.94 6.85 22.36
C ILE A 47 13.82 5.82 23.07
N VAL A 48 13.71 4.57 22.63
CA VAL A 48 14.48 3.49 23.22
C VAL A 48 15.17 2.68 22.14
N LEU A 49 16.50 2.69 22.15
CA LEU A 49 17.26 1.94 21.17
C LEU A 49 17.95 0.75 21.81
N VAL A 50 17.64 -0.44 21.31
CA VAL A 50 18.32 -1.66 21.73
C VAL A 50 19.09 -2.20 20.54
N GLU A 51 20.41 -2.31 20.71
CA GLU A 51 21.31 -2.72 19.62
C GLU A 51 21.20 -1.75 18.45
N ASN A 52 20.82 -2.28 17.30
CA ASN A 52 20.67 -1.46 16.09
C ASN A 52 19.31 -0.77 16.04
N LYS A 53 18.27 -1.46 16.46
CA LYS A 53 16.90 -0.98 16.35
C LYS A 53 16.63 0.27 17.18
N LEU A 54 15.76 1.14 16.67
CA LEU A 54 15.33 2.34 17.38
C LEU A 54 13.82 2.32 17.56
N GLY A 55 13.35 2.61 18.76
CA GLY A 55 11.92 2.57 19.05
C GLY A 55 11.38 3.86 19.63
N VAL A 56 10.09 4.11 19.39
CA VAL A 56 9.43 5.30 19.91
C VAL A 56 8.14 4.93 20.63
N GLU A 57 8.01 5.35 21.88
CA GLU A 57 6.82 5.06 22.68
C GLU A 57 5.60 5.78 22.14
N SER A 58 4.42 5.21 22.39
CA SER A 58 3.18 5.70 21.79
C SER A 58 2.72 7.03 22.38
N TRP A 59 2.97 7.24 23.67
CA TRP A 59 2.58 8.49 24.33
C TRP A 59 3.36 9.68 23.79
N CYS A 60 4.50 9.38 23.18
CA CYS A 60 5.37 10.42 22.63
C CYS A 60 4.80 11.05 21.37
N VAL A 61 4.20 10.22 20.52
CA VAL A 61 3.74 10.65 19.21
C VAL A 61 2.60 11.68 19.30
N LYS A 62 1.84 11.62 20.39
CA LYS A 62 0.71 12.52 20.57
C LYS A 62 1.15 13.98 20.71
N PHE A 63 2.34 14.19 21.27
CA PHE A 63 2.79 15.54 21.59
C PHE A 63 3.99 15.97 20.77
N LEU A 64 4.84 15.02 20.38
CA LEU A 64 6.04 15.35 19.62
C LEU A 64 5.72 15.77 18.20
N LEU A 65 4.95 14.94 17.50
CA LEU A 65 4.60 15.18 16.10
C LEU A 65 3.93 16.55 15.86
N PRO A 66 2.90 16.90 16.65
CA PRO A 66 2.29 18.21 16.34
C PRO A 66 3.19 19.40 16.67
N TYR A 67 4.18 19.21 17.54
CA TYR A 67 5.11 20.28 17.88
C TYR A 67 6.10 20.53 16.74
N VAL A 68 6.77 19.47 16.31
CA VAL A 68 7.78 19.57 15.26
C VAL A 68 7.15 19.94 13.93
N HIS A 69 5.92 19.49 13.71
CA HIS A 69 5.16 19.84 12.51
C HIS A 69 4.87 21.33 12.46
N ASN A 70 4.48 21.88 13.60
CA ASN A 70 4.15 23.29 13.70
C ASN A 70 5.37 24.19 13.55
N LYS A 71 6.49 23.76 14.10
CA LYS A 71 7.71 24.57 14.12
C LYS A 71 8.39 24.60 12.75
N LEU A 72 7.96 23.73 11.84
CA LEU A 72 8.50 23.73 10.49
C LEU A 72 7.65 24.60 9.57
N LEU A 73 6.37 24.71 9.89
CA LEU A 73 5.47 25.58 9.12
C LEU A 73 5.78 27.05 9.41
N LEU A 74 6.27 27.33 10.61
CA LEU A 74 6.65 28.68 10.98
C LEU A 74 7.89 29.12 10.22
N TYR A 75 8.79 28.18 9.96
CA TYR A 75 9.99 28.45 9.18
C TYR A 75 9.64 28.68 7.71
N ARG A 76 8.54 28.09 7.27
CA ARG A 76 8.08 28.22 5.90
C ARG A 76 7.26 29.49 5.69
N THR A 77 6.66 29.99 6.77
CA THR A 77 5.83 31.19 6.71
C THR A 77 6.57 32.40 7.30
N ARG A 78 7.85 32.22 7.57
CA ARG A 78 8.70 33.27 8.12
C ARG A 78 8.14 33.84 9.42
N LYS A 79 7.64 32.95 10.29
CA LYS A 79 7.10 33.36 11.57
C LYS A 79 8.08 33.06 12.71
N GLN A 80 9.04 32.19 12.43
CA GLN A 80 10.08 31.85 13.39
C GLN A 80 11.31 31.29 12.68
N TRP A 81 12.45 31.94 12.88
CA TRP A 81 13.70 31.52 12.24
C TRP A 81 14.34 30.36 12.99
N LEU A 82 14.60 29.28 12.27
CA LEU A 82 15.26 28.11 12.85
C LEU A 82 16.72 28.03 12.41
N ASN A 83 17.58 27.64 13.34
CA ASN A 83 19.01 27.52 13.06
C ASN A 83 19.27 26.48 11.98
N ARG A 84 20.44 26.58 11.35
CA ARG A 84 20.85 25.65 10.30
C ARG A 84 20.81 24.20 10.78
N ASP A 85 21.33 23.98 11.98
CA ASP A 85 21.35 22.64 12.56
C ASP A 85 19.99 22.26 13.13
N GLU A 86 19.19 23.27 13.46
CA GLU A 86 17.84 23.03 13.94
C GLU A 86 16.95 22.50 12.82
N LEU A 87 17.23 22.96 11.60
CA LEU A 87 16.46 22.53 10.43
C LEU A 87 16.65 21.06 10.13
N ILE A 88 17.89 20.60 10.14
CA ILE A 88 18.20 19.21 9.84
C ILE A 88 17.79 18.28 10.98
N ASP A 89 17.39 18.87 12.11
CA ASP A 89 16.95 18.10 13.27
C ASP A 89 15.43 17.99 13.33
N VAL A 90 14.73 19.01 12.87
CA VAL A 90 13.27 19.01 12.88
C VAL A 90 12.72 18.28 11.66
N THR A 91 13.46 18.33 10.56
CA THR A 91 13.08 17.58 9.36
C THR A 91 13.36 16.11 9.56
N CYS A 92 14.33 15.82 10.44
CA CYS A 92 14.73 14.45 10.71
C CYS A 92 13.67 13.69 11.49
N THR A 93 13.14 14.34 12.54
CA THR A 93 12.15 13.69 13.40
C THR A 93 10.76 13.71 12.77
N LEU A 94 10.54 14.63 11.84
CA LEU A 94 9.26 14.71 11.13
C LEU A 94 9.09 13.55 10.15
N LEU A 95 10.17 13.25 9.43
CA LEU A 95 10.12 12.24 8.38
C LEU A 95 10.22 10.82 8.94
N LEU A 96 10.57 10.70 10.22
CA LEU A 96 10.59 9.40 10.87
C LEU A 96 9.22 9.08 11.45
N LEU A 97 8.29 10.02 11.31
CA LEU A 97 6.92 9.84 11.77
C LEU A 97 5.95 9.96 10.61
N ASN A 98 6.29 10.82 9.65
CA ASN A 98 5.44 11.05 8.48
C ASN A 98 6.26 11.39 7.24
N PRO A 99 6.79 10.35 6.56
CA PRO A 99 7.62 10.50 5.37
C PRO A 99 6.87 11.07 4.17
N ASP A 100 5.55 11.16 4.28
CA ASP A 100 4.71 11.67 3.20
C ASP A 100 4.66 13.20 3.20
N PHE A 101 5.28 13.81 4.21
CA PHE A 101 5.35 15.26 4.30
C PHE A 101 6.26 15.80 3.21
N THR A 102 5.65 16.28 2.13
CA THR A 102 6.39 16.77 0.97
C THR A 102 7.27 17.98 1.31
N THR A 103 6.71 18.89 2.10
CA THR A 103 7.41 20.13 2.47
C THR A 103 8.67 19.82 3.27
N ALA A 104 8.59 18.84 4.17
CA ALA A 104 9.72 18.46 5.00
C ALA A 104 10.89 17.96 4.16
N TRP A 105 10.58 17.24 3.09
CA TRP A 105 11.60 16.77 2.16
C TRP A 105 12.15 17.94 1.35
N ASN A 106 11.27 18.83 0.93
CA ASN A 106 11.66 20.00 0.14
C ASN A 106 12.59 20.94 0.89
N VAL A 107 12.38 21.06 2.20
CA VAL A 107 13.26 21.86 3.04
C VAL A 107 14.67 21.27 3.01
N ARG A 108 14.75 19.95 3.06
CA ARG A 108 16.03 19.26 2.99
C ARG A 108 16.62 19.35 1.58
N LYS A 109 15.74 19.42 0.58
CA LYS A 109 16.18 19.59 -0.80
C LYS A 109 16.91 20.91 -0.97
N GLU A 110 16.46 21.92 -0.23
CA GLU A 110 17.08 23.23 -0.26
C GLU A 110 18.41 23.24 0.46
N LEU A 111 18.44 22.63 1.65
CA LEU A 111 19.66 22.56 2.46
C LEU A 111 20.77 21.81 1.75
N ILE A 112 20.41 20.71 1.08
CA ILE A 112 21.37 19.92 0.32
C ILE A 112 21.93 20.74 -0.85
N LEU A 113 21.05 21.42 -1.56
CA LEU A 113 21.44 22.19 -2.74
C LEU A 113 22.20 23.46 -2.36
N SER A 114 22.03 23.92 -1.12
CA SER A 114 22.74 25.10 -0.64
C SER A 114 24.11 24.76 -0.09
N GLY A 115 24.46 23.47 -0.13
CA GLY A 115 25.75 23.01 0.34
C GLY A 115 25.80 22.85 1.85
N THR A 116 24.63 22.90 2.48
CA THR A 116 24.53 22.78 3.93
C THR A 116 24.47 21.31 4.37
N LEU A 117 23.59 20.56 3.74
CA LEU A 117 23.35 19.17 4.12
C LEU A 117 24.02 18.18 3.16
N ASN A 118 24.55 17.10 3.70
CA ASN A 118 25.16 16.04 2.91
C ASN A 118 24.09 15.12 2.31
N PRO A 119 24.06 15.01 0.98
CA PRO A 119 23.07 14.21 0.24
C PRO A 119 22.98 12.75 0.71
N ILE A 120 24.10 12.21 1.20
CA ILE A 120 24.14 10.82 1.65
C ILE A 120 23.32 10.63 2.92
N LYS A 121 23.24 11.69 3.73
CA LYS A 121 22.50 11.62 4.98
C LYS A 121 21.00 11.45 4.74
N ASP A 122 20.53 11.90 3.58
CA ASP A 122 19.13 11.71 3.20
C ASP A 122 18.89 10.28 2.72
N LEU A 123 19.91 9.70 2.10
CA LEU A 123 19.83 8.31 1.65
C LEU A 123 19.84 7.36 2.84
N HIS A 124 20.40 7.83 3.95
CA HIS A 124 20.40 7.06 5.18
C HIS A 124 19.15 7.33 6.00
N LEU A 125 18.59 8.52 5.82
CA LEU A 125 17.35 8.89 6.48
C LEU A 125 16.16 8.21 5.81
N GLY A 126 16.14 8.26 4.48
CA GLY A 126 15.09 7.63 3.72
C GLY A 126 15.08 6.13 3.90
N LYS A 127 16.28 5.56 4.02
CA LYS A 127 16.43 4.13 4.22
C LYS A 127 15.76 3.69 5.53
N LEU A 128 15.78 4.57 6.52
CA LEU A 128 15.11 4.30 7.79
C LEU A 128 13.62 4.57 7.69
N ALA A 129 13.24 5.46 6.78
CA ALA A 129 11.84 5.80 6.56
C ALA A 129 11.13 4.69 5.77
N LEU A 130 11.91 3.87 5.08
CA LEU A 130 11.35 2.79 4.28
C LEU A 130 11.16 1.51 5.08
N THR A 131 11.57 1.53 6.34
CA THR A 131 11.43 0.36 7.20
C THR A 131 10.15 0.43 8.02
N LYS A 132 9.58 1.62 8.13
CA LYS A 132 8.32 1.81 8.82
C LYS A 132 7.23 2.18 7.80
N PHE A 133 7.64 2.94 6.79
CA PHE A 133 6.75 3.34 5.72
C PHE A 133 7.34 2.96 4.36
N PRO A 134 7.28 1.68 4.00
CA PRO A 134 7.91 1.17 2.77
C PRO A 134 7.16 1.57 1.51
N LYS A 135 5.92 2.03 1.64
CA LYS A 135 5.12 2.38 0.49
C LYS A 135 5.05 3.89 0.26
N SER A 136 5.46 4.66 1.27
CA SER A 136 5.40 6.12 1.22
C SER A 136 6.11 6.67 -0.03
N PRO A 137 5.34 7.18 -0.99
CA PRO A 137 5.85 7.61 -2.29
C PRO A 137 6.79 8.81 -2.21
N GLU A 138 6.52 9.73 -1.30
CA GLU A 138 7.32 10.94 -1.16
C GLU A 138 8.78 10.63 -0.82
N THR A 139 8.99 9.54 -0.10
CA THR A 139 10.35 9.09 0.22
C THR A 139 11.04 8.62 -1.05
N TRP A 140 10.29 7.94 -1.90
CA TRP A 140 10.81 7.48 -3.19
C TRP A 140 10.97 8.65 -4.14
N ILE A 141 10.02 9.58 -4.11
CA ILE A 141 10.07 10.78 -4.95
C ILE A 141 11.31 11.61 -4.63
N HIS A 142 11.57 11.79 -3.34
CA HIS A 142 12.72 12.56 -2.88
C HIS A 142 14.04 11.86 -3.24
N ARG A 143 14.06 10.54 -3.07
CA ARG A 143 15.27 9.76 -3.33
C ARG A 143 15.68 9.80 -4.80
N ARG A 144 14.68 9.86 -5.69
CA ARG A 144 14.95 10.00 -7.12
C ARG A 144 15.62 11.34 -7.41
N TRP A 145 15.19 12.37 -6.70
CA TRP A 145 15.76 13.71 -6.87
C TRP A 145 17.20 13.77 -6.37
N VAL A 146 17.47 13.08 -5.26
CA VAL A 146 18.80 13.06 -4.68
C VAL A 146 19.78 12.29 -5.56
N LEU A 147 19.35 11.13 -6.04
CA LEU A 147 20.17 10.29 -6.89
C LEU A 147 20.57 10.99 -8.19
N GLN A 148 19.63 11.71 -8.78
CA GLN A 148 19.89 12.43 -10.02
C GLN A 148 20.75 13.67 -9.75
N GLN A 149 20.73 14.13 -8.50
CA GLN A 149 21.53 15.26 -8.09
C GLN A 149 22.98 14.84 -7.86
N LEU A 150 23.17 13.57 -7.51
CA LEU A 150 24.50 13.02 -7.27
C LEU A 150 25.25 12.74 -8.56
N ILE A 151 24.64 13.13 -9.68
CA ILE A 151 25.26 12.95 -10.99
C ILE A 151 25.64 14.31 -11.57
N GLN A 152 26.80 14.36 -12.24
CA GLN A 152 27.31 15.57 -12.87
C GLN A 152 27.51 16.68 -11.85
N GLU A 153 28.54 16.55 -11.02
CA GLU A 153 28.86 17.54 -10.00
C GLU A 153 29.36 18.84 -10.62
N THR A 167 30.85 3.20 -22.49
CA THR A 167 29.99 3.96 -21.60
C THR A 167 29.66 3.17 -20.34
N ILE A 168 30.57 3.19 -19.38
CA ILE A 168 30.38 2.47 -18.12
C ILE A 168 30.29 3.44 -16.95
N PRO A 169 29.23 3.31 -16.12
CA PRO A 169 29.06 4.13 -14.93
C PRO A 169 30.26 4.02 -13.98
N THR A 170 30.54 5.10 -13.25
CA THR A 170 31.67 5.15 -12.35
C THR A 170 31.53 4.09 -11.25
N GLU A 171 32.66 3.64 -10.71
CA GLU A 171 32.67 2.63 -9.66
C GLU A 171 31.92 3.12 -8.42
N ARG A 172 32.05 4.41 -8.13
CA ARG A 172 31.34 5.01 -7.01
C ARG A 172 29.85 5.03 -7.28
N ALA A 173 29.48 5.05 -8.55
CA ALA A 173 28.08 4.99 -8.94
C ALA A 173 27.58 3.55 -8.90
N GLN A 174 28.48 2.62 -9.22
CA GLN A 174 28.14 1.19 -9.21
C GLN A 174 27.85 0.74 -7.78
N ARG A 175 28.56 1.32 -6.82
CA ARG A 175 28.33 1.04 -5.41
C ARG A 175 27.02 1.67 -4.95
N LEU A 176 26.62 2.75 -5.63
CA LEU A 176 25.38 3.45 -5.29
C LEU A 176 24.17 2.73 -5.87
N ILE A 177 24.33 2.17 -7.07
CA ILE A 177 23.26 1.44 -7.73
C ILE A 177 22.90 0.18 -6.95
N GLN A 178 23.93 -0.58 -6.57
CA GLN A 178 23.72 -1.81 -5.82
C GLN A 178 23.15 -1.53 -4.43
N GLU A 179 23.43 -0.32 -3.92
CA GLU A 179 22.88 0.12 -2.66
C GLU A 179 21.37 0.30 -2.77
N GLU A 180 20.92 0.80 -3.92
CA GLU A 180 19.50 1.00 -4.16
C GLU A 180 18.78 -0.33 -4.37
N MET A 181 19.50 -1.31 -4.90
CA MET A 181 18.93 -2.64 -5.13
C MET A 181 18.62 -3.35 -3.82
N GLU A 182 19.33 -2.96 -2.76
CA GLU A 182 19.15 -3.57 -1.45
C GLU A 182 17.95 -2.96 -0.71
N VAL A 183 17.79 -1.66 -0.83
CA VAL A 183 16.69 -0.97 -0.16
C VAL A 183 15.37 -1.17 -0.89
N CYS A 184 15.46 -1.45 -2.19
CA CYS A 184 14.27 -1.74 -2.98
C CYS A 184 13.77 -3.16 -2.70
N GLY A 185 14.72 -4.06 -2.44
CA GLY A 185 14.39 -5.44 -2.13
C GLY A 185 13.80 -5.60 -0.75
N GLU A 186 14.36 -4.89 0.23
CA GLU A 186 13.87 -4.96 1.59
C GLU A 186 12.51 -4.28 1.73
N ALA A 187 12.32 -3.19 1.01
CA ALA A 187 11.03 -2.48 1.01
C ALA A 187 9.96 -3.33 0.35
N ALA A 188 10.37 -4.17 -0.60
CA ALA A 188 9.46 -5.08 -1.27
C ALA A 188 9.18 -6.30 -0.40
N GLY A 189 10.02 -6.50 0.61
CA GLY A 189 9.87 -7.63 1.51
C GLY A 189 9.06 -7.28 2.75
N ARG A 190 8.79 -5.98 2.92
CA ARG A 190 8.00 -5.53 4.06
C ARG A 190 6.55 -5.29 3.66
N TYR A 191 6.33 -5.08 2.37
CA TYR A 191 4.98 -4.90 1.86
C TYR A 191 4.79 -5.69 0.57
N PRO A 192 3.72 -6.51 0.51
CA PRO A 192 3.43 -7.37 -0.63
C PRO A 192 3.19 -6.60 -1.93
N SER A 193 4.04 -6.84 -2.92
CA SER A 193 3.95 -6.18 -4.22
C SER A 193 3.98 -4.65 -4.09
N ASN A 194 5.08 -4.14 -3.53
CA ASN A 194 5.26 -2.71 -3.37
C ASN A 194 5.55 -2.04 -4.71
N TYR A 195 4.52 -1.40 -5.27
CA TYR A 195 4.63 -0.76 -6.58
C TYR A 195 5.71 0.32 -6.59
N ASN A 196 5.67 1.20 -5.59
CA ASN A 196 6.61 2.32 -5.51
C ASN A 196 8.06 1.86 -5.37
N ALA A 197 8.26 0.73 -4.71
CA ALA A 197 9.60 0.21 -4.48
C ALA A 197 10.21 -0.36 -5.77
N TRP A 198 9.41 -1.09 -6.52
CA TRP A 198 9.87 -1.70 -7.76
C TRP A 198 9.94 -0.67 -8.89
N SER A 199 9.08 0.34 -8.83
CA SER A 199 9.08 1.39 -9.85
C SER A 199 10.32 2.27 -9.72
N HIS A 200 10.81 2.42 -8.48
CA HIS A 200 12.03 3.17 -8.23
C HIS A 200 13.25 2.33 -8.63
N ARG A 201 13.16 1.03 -8.39
CA ARG A 201 14.23 0.11 -8.75
C ARG A 201 14.43 0.10 -10.26
N ILE A 202 13.33 0.23 -10.99
CA ILE A 202 13.38 0.33 -12.44
C ILE A 202 13.95 1.68 -12.86
N TRP A 203 13.55 2.73 -12.15
CA TRP A 203 14.01 4.08 -12.44
C TRP A 203 15.53 4.22 -12.32
N VAL A 204 16.10 3.47 -11.38
CA VAL A 204 17.55 3.46 -11.18
C VAL A 204 18.26 2.88 -12.40
N LEU A 205 17.74 1.76 -12.90
CA LEU A 205 18.31 1.11 -14.08
C LEU A 205 18.23 1.98 -15.33
N GLN A 206 17.24 2.87 -15.36
CA GLN A 206 17.00 3.71 -16.52
C GLN A 206 17.94 4.92 -16.56
N HIS A 207 18.25 5.48 -15.41
CA HIS A 207 19.06 6.70 -15.34
C HIS A 207 20.45 6.46 -14.75
N LEU A 208 20.51 5.75 -13.63
CA LEU A 208 21.77 5.53 -12.92
C LEU A 208 22.62 4.45 -13.59
N ALA A 209 21.96 3.43 -14.13
CA ALA A 209 22.68 2.30 -14.73
C ALA A 209 22.73 2.40 -16.26
N LYS A 210 21.85 3.25 -16.81
CA LYS A 210 21.75 3.44 -18.25
C LYS A 210 21.52 2.13 -19.00
N LEU A 211 20.77 1.23 -18.37
CA LEU A 211 20.46 -0.09 -18.93
C LEU A 211 21.73 -0.85 -19.30
N ASP A 212 22.68 -0.89 -18.38
CA ASP A 212 23.94 -1.59 -18.61
C ASP A 212 23.70 -3.09 -18.72
N VAL A 213 24.16 -3.67 -19.84
CA VAL A 213 23.96 -5.08 -20.11
C VAL A 213 24.59 -5.98 -19.05
N LYS A 214 25.62 -5.46 -18.37
CA LYS A 214 26.32 -6.21 -17.33
C LYS A 214 25.44 -6.36 -16.10
N ILE A 215 25.01 -5.23 -15.54
CA ILE A 215 24.20 -5.23 -14.33
C ILE A 215 22.83 -5.87 -14.55
N LEU A 216 22.28 -5.69 -15.74
CA LEU A 216 20.97 -6.23 -16.08
C LEU A 216 20.92 -7.75 -15.96
N LEU A 217 22.02 -8.41 -16.28
CA LEU A 217 22.10 -9.86 -16.20
C LEU A 217 22.30 -10.34 -14.76
N ASP A 218 23.10 -9.59 -14.01
CA ASP A 218 23.37 -9.94 -12.62
C ASP A 218 22.12 -9.81 -11.75
N GLU A 219 21.28 -8.83 -12.08
CA GLU A 219 20.06 -8.60 -11.33
C GLU A 219 19.01 -9.67 -11.63
N LEU A 220 19.15 -10.33 -12.77
CA LEU A 220 18.24 -11.42 -13.13
C LEU A 220 18.40 -12.60 -12.18
N SER A 221 19.64 -12.94 -11.87
CA SER A 221 19.93 -14.06 -11.00
C SER A 221 19.61 -13.75 -9.54
N SER A 222 19.71 -12.47 -9.18
CA SER A 222 19.45 -12.04 -7.81
C SER A 222 17.95 -12.09 -7.49
N THR A 223 17.13 -11.94 -8.52
CA THR A 223 15.68 -11.91 -8.33
C THR A 223 15.03 -13.24 -8.70
N LYS A 224 15.84 -14.19 -9.18
CA LYS A 224 15.33 -15.52 -9.51
C LYS A 224 14.89 -16.27 -8.27
N HIS A 225 15.56 -16.01 -7.15
CA HIS A 225 15.23 -16.66 -5.89
C HIS A 225 14.00 -16.03 -5.25
N TRP A 226 13.89 -14.70 -5.37
CA TRP A 226 12.77 -13.98 -4.79
C TRP A 226 11.46 -14.37 -5.44
N ALA A 227 11.47 -14.52 -6.76
CA ALA A 227 10.28 -14.90 -7.52
C ALA A 227 9.83 -16.31 -7.14
N SER A 228 10.80 -17.16 -6.76
CA SER A 228 10.52 -18.52 -6.34
C SER A 228 9.90 -18.54 -4.95
N MET A 229 10.22 -17.51 -4.15
CA MET A 229 9.74 -17.44 -2.78
C MET A 229 8.63 -16.39 -2.63
N HIS A 230 8.36 -15.65 -3.69
CA HIS A 230 7.32 -14.63 -3.66
C HIS A 230 6.56 -14.53 -4.98
N VAL A 231 5.56 -15.39 -5.14
CA VAL A 231 4.62 -15.26 -6.26
C VAL A 231 3.51 -14.31 -5.82
N SER A 232 2.49 -14.16 -6.66
CA SER A 232 1.41 -13.20 -6.42
C SER A 232 1.98 -11.80 -6.21
N ASP A 233 3.04 -11.49 -6.94
CA ASP A 233 3.73 -10.21 -6.83
C ASP A 233 4.06 -9.70 -8.23
N HIS A 234 3.05 -9.14 -8.90
CA HIS A 234 3.20 -8.69 -10.27
C HIS A 234 4.25 -7.60 -10.41
N SER A 235 4.45 -6.84 -9.34
CA SER A 235 5.46 -5.78 -9.33
C SER A 235 6.86 -6.37 -9.41
N GLY A 236 7.06 -7.51 -8.74
CA GLY A 236 8.33 -8.19 -8.77
C GLY A 236 8.58 -8.86 -10.11
N PHE A 237 7.53 -9.46 -10.67
CA PHE A 237 7.64 -10.15 -11.94
C PHE A 237 7.70 -9.17 -13.11
N HIS A 238 7.22 -7.95 -12.90
CA HIS A 238 7.32 -6.91 -13.92
C HIS A 238 8.77 -6.45 -14.05
N TYR A 239 9.48 -6.45 -12.93
CA TYR A 239 10.90 -6.12 -12.92
C TYR A 239 11.68 -7.13 -13.75
N ARG A 240 11.21 -8.38 -13.70
CA ARG A 240 11.76 -9.44 -14.53
C ARG A 240 11.54 -9.13 -16.01
N GLN A 241 10.34 -8.66 -16.33
CA GLN A 241 9.98 -8.33 -17.69
C GLN A 241 10.79 -7.14 -18.19
N PHE A 242 11.00 -6.16 -17.32
CA PHE A 242 11.73 -4.95 -17.67
C PHE A 242 13.19 -5.25 -18.01
N LEU A 243 13.76 -6.22 -17.29
CA LEU A 243 15.15 -6.60 -17.52
C LEU A 243 15.34 -7.21 -18.90
N LEU A 244 14.44 -8.10 -19.28
CA LEU A 244 14.52 -8.79 -20.57
C LEU A 244 14.29 -7.83 -21.74
N LYS A 245 13.39 -6.89 -21.55
CA LYS A 245 13.07 -5.90 -22.59
C LYS A 245 14.27 -5.00 -22.87
N SER A 246 14.96 -4.61 -21.82
CA SER A 246 16.11 -3.73 -21.94
C SER A 246 17.30 -4.43 -22.58
N LEU A 247 17.34 -5.75 -22.45
CA LEU A 247 18.41 -6.55 -23.04
C LEU A 247 18.27 -6.65 -24.56
N ILE A 248 17.07 -6.39 -25.05
CA ILE A 248 16.81 -6.42 -26.48
C ILE A 248 17.10 -5.05 -27.11
N SER A 249 16.86 -3.99 -26.34
CA SER A 249 17.07 -2.63 -26.82
C SER A 249 18.55 -2.30 -26.98
N GLN A 250 19.41 -3.09 -26.34
CA GLN A 250 20.85 -2.86 -26.40
C GLN A 250 21.50 -3.58 -27.57
N THR A 251 20.96 -4.75 -27.92
CA THR A 251 21.54 -5.57 -28.98
C THR A 251 20.93 -5.27 -30.35
N VAL A 252 21.74 -4.71 -31.23
CA VAL A 252 21.34 -4.39 -32.60
C VAL A 252 20.08 -3.54 -32.64
N ARG A 285 26.45 -10.61 -26.98
CA ARG A 285 27.22 -11.39 -26.03
C ARG A 285 26.46 -12.64 -25.60
N ILE A 286 25.66 -12.52 -24.55
CA ILE A 286 24.84 -13.63 -24.07
C ILE A 286 23.59 -13.78 -24.92
N ASN A 287 23.28 -15.02 -25.29
CA ASN A 287 22.14 -15.30 -26.16
C ASN A 287 20.81 -14.91 -25.53
N LEU A 288 20.12 -13.95 -26.14
CA LEU A 288 18.84 -13.47 -25.64
C LEU A 288 17.72 -14.52 -25.72
N PRO A 289 17.60 -15.25 -26.86
CA PRO A 289 16.56 -16.29 -26.86
C PRO A 289 16.80 -17.38 -25.82
N HIS A 290 18.06 -17.65 -25.51
CA HIS A 290 18.41 -18.64 -24.49
C HIS A 290 17.89 -18.23 -23.12
N LEU A 291 17.93 -16.93 -22.85
CA LEU A 291 17.42 -16.39 -21.60
C LEU A 291 15.90 -16.52 -21.53
N LEU A 292 15.25 -16.36 -22.68
CA LEU A 292 13.80 -16.51 -22.78
C LEU A 292 13.39 -17.97 -22.62
N GLU A 293 14.24 -18.87 -23.10
CA GLU A 293 14.01 -20.30 -22.97
C GLU A 293 14.03 -20.74 -21.51
N GLU A 294 14.88 -20.08 -20.72
CA GLU A 294 15.04 -20.42 -19.32
C GLU A 294 13.92 -19.83 -18.47
N GLU A 295 13.46 -18.64 -18.86
CA GLU A 295 12.44 -17.93 -18.10
C GLU A 295 11.06 -18.55 -18.25
N VAL A 296 10.74 -19.00 -19.45
CA VAL A 296 9.44 -19.61 -19.72
C VAL A 296 9.31 -20.94 -18.99
N GLU A 297 10.45 -21.60 -18.78
CA GLU A 297 10.47 -22.86 -18.05
C GLU A 297 10.44 -22.59 -16.54
N PHE A 298 11.07 -21.50 -16.13
CA PHE A 298 11.09 -21.10 -14.73
C PHE A 298 9.69 -20.72 -14.26
N SER A 299 8.93 -20.09 -15.15
CA SER A 299 7.55 -19.70 -14.84
C SER A 299 6.65 -20.93 -14.78
N THR A 300 6.87 -21.86 -15.70
CA THR A 300 6.09 -23.09 -15.76
C THR A 300 6.33 -23.94 -14.53
N ASP A 301 7.56 -23.90 -14.01
CA ASP A 301 7.93 -24.65 -12.82
C ASP A 301 7.17 -24.16 -11.59
N LEU A 302 6.93 -22.86 -11.52
CA LEU A 302 6.25 -22.27 -10.38
C LEU A 302 4.74 -22.47 -10.43
N ILE A 303 4.20 -22.60 -11.64
CA ILE A 303 2.77 -22.84 -11.81
C ILE A 303 2.43 -24.28 -11.46
N ASP A 304 3.28 -25.21 -11.92
CA ASP A 304 3.11 -26.62 -11.59
C ASP A 304 3.30 -26.86 -10.10
N SER A 305 4.11 -26.02 -9.47
CA SER A 305 4.35 -26.10 -8.04
C SER A 305 3.26 -25.39 -7.26
N TYR A 306 3.02 -24.13 -7.60
CA TYR A 306 2.00 -23.33 -6.92
C TYR A 306 0.95 -22.84 -7.91
N PRO A 307 -0.21 -23.52 -7.95
CA PRO A 307 -1.30 -23.18 -8.85
C PRO A 307 -2.24 -22.12 -8.29
N GLY A 308 -2.89 -21.36 -9.17
CA GLY A 308 -3.88 -20.39 -8.75
C GLY A 308 -3.38 -18.97 -8.66
N HIS A 309 -2.23 -18.68 -9.28
CA HIS A 309 -1.67 -17.34 -9.27
C HIS A 309 -1.72 -16.72 -10.66
N GLU A 310 -2.51 -15.67 -10.81
CA GLU A 310 -2.68 -15.02 -12.10
C GLU A 310 -1.46 -14.21 -12.50
N THR A 311 -0.62 -13.87 -11.52
CA THR A 311 0.65 -13.20 -11.80
C THR A 311 1.55 -14.09 -12.62
N LEU A 312 1.56 -15.38 -12.27
CA LEU A 312 2.35 -16.37 -12.99
C LEU A 312 1.83 -16.55 -14.41
N TRP A 313 0.53 -16.38 -14.58
CA TRP A 313 -0.09 -16.48 -15.90
C TRP A 313 0.13 -15.20 -16.70
N CYS A 314 -0.02 -14.06 -16.05
CA CYS A 314 0.22 -12.77 -16.69
C CYS A 314 1.69 -12.64 -17.07
N HIS A 315 2.57 -13.20 -16.24
CA HIS A 315 4.00 -13.19 -16.53
C HIS A 315 4.31 -14.03 -17.75
N ARG A 316 3.65 -15.18 -17.84
CA ARG A 316 3.85 -16.10 -18.97
C ARG A 316 3.45 -15.45 -20.29
N ARG A 317 2.31 -14.75 -20.30
CA ARG A 317 1.85 -14.05 -21.49
C ARG A 317 2.84 -12.95 -21.89
N HIS A 318 3.38 -12.26 -20.89
CA HIS A 318 4.34 -11.20 -21.13
C HIS A 318 5.65 -11.75 -21.71
N ILE A 319 6.01 -12.96 -21.29
CA ILE A 319 7.19 -13.62 -21.81
C ILE A 319 6.94 -14.11 -23.24
N PHE A 320 5.75 -14.66 -23.46
CA PHE A 320 5.35 -15.15 -24.79
C PHE A 320 5.39 -14.03 -25.82
N TYR A 321 4.99 -12.83 -25.41
CA TYR A 321 4.95 -11.68 -26.31
C TYR A 321 6.36 -11.26 -26.73
N LEU A 322 7.32 -11.43 -25.82
CA LEU A 322 8.71 -11.09 -26.11
C LEU A 322 9.32 -12.10 -27.09
N GLN A 323 8.84 -13.33 -27.03
CA GLN A 323 9.34 -14.39 -27.90
C GLN A 323 8.81 -14.24 -29.33
N HIS A 324 7.54 -13.86 -29.43
CA HIS A 324 6.89 -13.75 -30.73
C HIS A 324 7.35 -12.52 -31.50
N HIS A 325 7.90 -11.54 -30.80
CA HIS A 325 8.32 -10.28 -31.41
C HIS A 325 9.83 -10.14 -31.48
N LEU A 326 10.49 -11.16 -32.01
CA LEU A 326 11.91 -11.12 -32.28
C LEU A 326 12.16 -11.40 -33.76
N ASN A 327 11.21 -12.11 -34.36
CA ASN A 327 11.27 -12.46 -35.78
C ASN A 327 11.03 -11.25 -36.67
N PRO B 9 -6.73 -21.43 -2.91
CA PRO B 9 -7.62 -20.28 -2.74
C PRO B 9 -7.09 -19.04 -3.44
N GLN B 10 -8.01 -18.21 -3.95
CA GLN B 10 -7.62 -16.98 -4.64
C GLN B 10 -7.86 -15.78 -3.73
N LYS B 11 -6.93 -14.81 -3.77
CA LYS B 11 -6.99 -13.63 -2.92
C LYS B 11 -8.23 -12.80 -3.20
N ASP B 12 -9.15 -12.77 -2.23
CA ASP B 12 -10.41 -12.05 -2.37
C ASP B 12 -11.10 -11.92 -1.01
N VAL B 13 -11.95 -10.92 -0.87
CA VAL B 13 -12.71 -10.73 0.37
C VAL B 13 -14.01 -11.53 0.33
N ILE B 14 -14.60 -11.74 1.50
CA ILE B 14 -15.86 -12.49 1.60
C ILE B 14 -16.95 -11.64 2.25
N ILE B 15 -17.93 -11.25 1.45
CA ILE B 15 -19.05 -10.46 1.95
C ILE B 15 -19.98 -11.32 2.80
N LYS B 16 -20.17 -10.92 4.05
CA LYS B 16 -21.00 -11.67 4.97
C LYS B 16 -22.48 -11.47 4.69
N SER B 17 -23.33 -12.30 5.31
CA SER B 17 -24.76 -12.24 5.07
C SER B 17 -25.41 -11.05 5.80
N ASP B 18 -24.81 -10.63 6.89
CA ASP B 18 -25.33 -9.51 7.67
C ASP B 18 -24.71 -8.19 7.22
N ALA B 19 -23.89 -8.25 6.18
CA ALA B 19 -23.28 -7.05 5.63
C ALA B 19 -24.34 -6.13 5.02
N PRO B 20 -24.10 -4.81 5.09
CA PRO B 20 -25.02 -3.81 4.54
C PRO B 20 -25.32 -4.04 3.06
N ASP B 21 -26.60 -4.02 2.70
CA ASP B 21 -27.02 -4.25 1.32
C ASP B 21 -27.97 -3.15 0.84
N THR B 22 -27.96 -2.02 1.53
CA THR B 22 -28.78 -0.89 1.16
C THR B 22 -28.03 0.43 1.36
N LEU B 23 -28.29 1.40 0.50
CA LEU B 23 -27.60 2.68 0.54
C LEU B 23 -28.00 3.51 1.75
N LEU B 24 -27.03 3.83 2.60
CA LEU B 24 -27.27 4.67 3.77
C LEU B 24 -26.83 6.10 3.49
N LEU B 25 -27.62 6.82 2.72
CA LEU B 25 -27.27 8.15 2.26
C LEU B 25 -27.23 9.18 3.39
N GLU B 26 -28.13 9.01 4.36
CA GLU B 26 -28.23 9.95 5.47
C GLU B 26 -27.04 9.86 6.43
N LYS B 27 -26.61 8.64 6.72
CA LYS B 27 -25.52 8.42 7.66
C LYS B 27 -24.17 8.73 7.03
N HIS B 28 -24.15 8.88 5.72
CA HIS B 28 -22.93 9.27 5.00
C HIS B 28 -22.73 10.77 5.04
N ALA B 29 -23.83 11.51 4.92
CA ALA B 29 -23.79 12.97 4.99
C ALA B 29 -23.45 13.43 6.40
N ASP B 30 -23.98 12.71 7.40
CA ASP B 30 -23.73 13.05 8.79
C ASP B 30 -22.29 12.73 9.20
N TYR B 31 -21.69 11.76 8.52
CA TYR B 31 -20.31 11.38 8.79
C TYR B 31 -19.34 12.44 8.29
N ILE B 32 -19.56 12.92 7.07
CA ILE B 32 -18.71 13.93 6.47
C ILE B 32 -18.85 15.27 7.20
N ALA B 33 -20.06 15.57 7.62
CA ALA B 33 -20.35 16.81 8.34
C ALA B 33 -19.69 16.82 9.71
N SER B 34 -19.60 15.65 10.33
CA SER B 34 -19.05 15.53 11.68
C SER B 34 -17.55 15.24 11.66
N TYR B 35 -17.00 14.98 10.47
CA TYR B 35 -15.58 14.71 10.33
C TYR B 35 -14.78 16.01 10.46
N GLY B 36 -13.70 15.95 11.23
CA GLY B 36 -12.85 17.11 11.45
C GLY B 36 -13.31 17.93 12.64
N SER B 37 -14.50 17.60 13.16
CA SER B 37 -15.04 18.30 14.32
C SER B 37 -14.26 17.95 15.57
N LYS B 38 -13.75 16.73 15.62
CA LYS B 38 -12.93 16.29 16.76
C LYS B 38 -11.58 16.99 16.73
N LYS B 39 -11.27 17.74 17.78
CA LYS B 39 -10.02 18.48 17.87
C LYS B 39 -8.83 17.56 18.07
N ASP B 40 -8.48 16.83 17.01
CA ASP B 40 -7.34 15.92 17.05
C ASP B 40 -6.17 16.53 16.30
N ASP B 41 -5.24 17.13 17.04
CA ASP B 41 -4.09 17.81 16.44
C ASP B 41 -3.17 16.82 15.72
N TYR B 42 -3.12 15.59 16.23
CA TYR B 42 -2.26 14.57 15.63
C TYR B 42 -2.75 14.18 14.24
N GLU B 43 -4.02 13.81 14.13
CA GLU B 43 -4.61 13.42 12.85
C GLU B 43 -4.59 14.56 11.85
N TYR B 44 -4.66 15.79 12.35
CA TYR B 44 -4.60 16.97 11.49
C TYR B 44 -3.22 17.11 10.87
N CYS B 45 -2.19 17.12 11.72
CA CYS B 45 -0.83 17.27 11.26
C CYS B 45 -0.38 16.10 10.40
N MET B 46 -0.94 14.92 10.66
CA MET B 46 -0.60 13.72 9.92
C MET B 46 -1.19 13.72 8.51
N SER B 47 -2.25 14.49 8.32
CA SER B 47 -2.95 14.52 7.03
C SER B 47 -3.07 15.94 6.47
N GLU B 48 -2.26 16.86 6.98
CA GLU B 48 -2.30 18.23 6.51
C GLU B 48 -1.58 18.36 5.17
N TYR B 49 -0.77 17.37 4.83
CA TYR B 49 -0.01 17.40 3.58
C TYR B 49 -0.90 17.08 2.38
N LEU B 50 -2.18 16.81 2.64
CA LEU B 50 -3.14 16.56 1.56
C LEU B 50 -4.51 17.14 1.90
N ARG B 51 -4.53 18.19 2.73
CA ARG B 51 -5.79 18.78 3.18
C ARG B 51 -6.62 19.35 2.04
N MET B 52 -5.94 19.97 1.07
CA MET B 52 -6.64 20.56 -0.07
C MET B 52 -7.40 19.49 -0.86
N SER B 53 -6.84 18.29 -0.90
CA SER B 53 -7.52 17.16 -1.51
C SER B 53 -8.52 16.53 -0.55
N GLY B 54 -8.24 16.65 0.75
CA GLY B 54 -9.12 16.12 1.77
C GLY B 54 -10.45 16.84 1.80
N ILE B 55 -10.41 18.14 1.53
CA ILE B 55 -11.63 18.94 1.45
C ILE B 55 -12.36 18.63 0.14
N TYR B 56 -11.59 18.39 -0.92
CA TYR B 56 -12.15 18.05 -2.21
C TYR B 56 -12.98 16.76 -2.14
N TRP B 57 -12.46 15.77 -1.44
CA TRP B 57 -13.18 14.52 -1.23
C TRP B 57 -14.44 14.76 -0.41
N GLY B 58 -14.31 15.59 0.62
CA GLY B 58 -15.41 15.90 1.50
C GLY B 58 -16.54 16.68 0.84
N LEU B 59 -16.17 17.70 0.08
CA LEU B 59 -17.16 18.55 -0.57
C LEU B 59 -17.87 17.84 -1.73
N THR B 60 -17.09 17.15 -2.56
CA THR B 60 -17.62 16.49 -3.75
C THR B 60 -18.63 15.40 -3.38
N VAL B 61 -18.34 14.66 -2.32
CA VAL B 61 -19.21 13.58 -1.90
C VAL B 61 -20.50 14.14 -1.30
N MET B 62 -20.45 15.38 -0.83
CA MET B 62 -21.63 16.03 -0.25
C MET B 62 -22.48 16.66 -1.35
N ASP B 63 -21.83 17.17 -2.38
CA ASP B 63 -22.54 17.79 -3.49
C ASP B 63 -23.23 16.73 -4.35
N LEU B 64 -22.68 15.52 -4.34
CA LEU B 64 -23.29 14.39 -5.04
C LEU B 64 -24.58 13.97 -4.36
N MET B 65 -24.63 14.14 -3.05
CA MET B 65 -25.80 13.78 -2.27
C MET B 65 -26.71 14.98 -2.07
N GLY B 66 -26.35 16.10 -2.69
CA GLY B 66 -27.13 17.32 -2.60
C GLY B 66 -27.09 17.95 -1.22
N GLN B 67 -25.97 17.79 -0.52
CA GLN B 67 -25.83 18.30 0.83
C GLN B 67 -24.60 19.22 0.96
N LEU B 68 -24.23 19.85 -0.14
CA LEU B 68 -23.05 20.73 -0.15
C LEU B 68 -23.26 21.97 0.71
N HIS B 69 -24.52 22.35 0.90
CA HIS B 69 -24.85 23.54 1.68
C HIS B 69 -24.57 23.36 3.18
N ARG B 70 -24.39 22.11 3.60
CA ARG B 70 -24.13 21.81 5.01
C ARG B 70 -22.67 22.09 5.37
N MET B 71 -21.87 22.41 4.38
CA MET B 71 -20.45 22.68 4.58
C MET B 71 -20.17 24.18 4.65
N ASN B 72 -19.21 24.56 5.48
CA ASN B 72 -18.81 25.96 5.60
C ASN B 72 -18.18 26.46 4.30
N ARG B 73 -18.91 27.29 3.57
CA ARG B 73 -18.46 27.77 2.27
C ARG B 73 -17.35 28.81 2.37
N GLU B 74 -17.57 29.84 3.18
CA GLU B 74 -16.64 30.96 3.26
C GLU B 74 -15.28 30.57 3.81
N GLU B 75 -15.27 29.75 4.85
CA GLU B 75 -14.02 29.36 5.51
C GLU B 75 -13.11 28.59 4.57
N ILE B 76 -13.68 27.75 3.71
CA ILE B 76 -12.92 26.98 2.76
C ILE B 76 -12.33 27.87 1.66
N LEU B 77 -13.15 28.78 1.15
CA LEU B 77 -12.71 29.70 0.11
C LEU B 77 -11.60 30.63 0.60
N ALA B 78 -11.67 31.00 1.87
CA ALA B 78 -10.63 31.83 2.48
C ALA B 78 -9.37 31.02 2.73
N PHE B 79 -9.54 29.71 2.92
CA PHE B 79 -8.43 28.81 3.13
C PHE B 79 -7.62 28.62 1.85
N ILE B 80 -8.33 28.43 0.74
CA ILE B 80 -7.69 28.22 -0.55
C ILE B 80 -6.94 29.47 -1.02
N LYS B 81 -7.53 30.63 -0.78
CA LYS B 81 -6.93 31.89 -1.19
C LYS B 81 -5.58 32.11 -0.50
N SER B 82 -5.51 31.71 0.76
CA SER B 82 -4.27 31.87 1.53
C SER B 82 -3.33 30.68 1.35
N CYS B 83 -3.68 29.79 0.43
CA CYS B 83 -2.84 28.64 0.12
C CYS B 83 -2.05 28.86 -1.17
N GLN B 84 -2.55 29.75 -2.02
CA GLN B 84 -1.87 30.08 -3.26
C GLN B 84 -0.59 30.86 -2.97
N HIS B 85 0.52 30.42 -3.55
CA HIS B 85 1.81 31.06 -3.32
C HIS B 85 2.12 32.11 -4.38
N GLU B 86 3.28 32.75 -4.24
CA GLU B 86 3.70 33.81 -5.14
C GLU B 86 4.02 33.28 -6.54
N CYS B 87 4.34 32.00 -6.62
CA CYS B 87 4.69 31.38 -7.90
C CYS B 87 3.46 30.90 -8.66
N GLY B 88 2.30 31.07 -8.05
CA GLY B 88 1.04 30.73 -8.71
C GLY B 88 0.40 29.45 -8.20
N GLY B 89 1.22 28.44 -7.93
CA GLY B 89 0.72 27.15 -7.48
C GLY B 89 0.01 27.19 -6.14
N ILE B 90 -0.83 26.18 -5.90
CA ILE B 90 -1.57 26.10 -4.65
C ILE B 90 -1.11 24.90 -3.83
N SER B 91 -0.73 25.15 -2.58
CA SER B 91 -0.26 24.09 -1.69
C SER B 91 -1.42 23.32 -1.09
N ALA B 92 -1.10 22.24 -0.38
CA ALA B 92 -2.12 21.42 0.27
C ALA B 92 -2.75 22.17 1.43
N SER B 93 -1.94 22.94 2.14
CA SER B 93 -2.43 23.74 3.26
C SER B 93 -1.58 24.99 3.46
N ILE B 94 -1.83 25.70 4.54
CA ILE B 94 -1.10 26.95 4.81
C ILE B 94 0.32 26.66 5.30
N GLY B 95 1.30 27.05 4.50
CA GLY B 95 2.69 26.88 4.84
C GLY B 95 3.40 25.85 3.98
N HIS B 96 2.63 24.97 3.35
CA HIS B 96 3.19 23.91 2.53
C HIS B 96 3.63 24.44 1.17
N ASP B 97 4.33 23.59 0.41
CA ASP B 97 4.78 23.97 -0.93
C ASP B 97 3.71 23.66 -1.97
N PRO B 98 3.64 24.47 -3.03
CA PRO B 98 2.66 24.26 -4.10
C PRO B 98 2.91 22.99 -4.88
N HIS B 99 1.84 22.40 -5.41
CA HIS B 99 1.94 21.15 -6.16
C HIS B 99 0.73 21.00 -7.08
N LEU B 100 0.90 20.25 -8.17
CA LEU B 100 -0.17 20.05 -9.15
C LEU B 100 -1.36 19.32 -8.54
N LEU B 101 -1.09 18.38 -7.64
CA LEU B 101 -2.13 17.58 -7.01
C LEU B 101 -3.11 18.44 -6.22
N TYR B 102 -2.58 19.47 -5.57
CA TYR B 102 -3.40 20.34 -4.72
C TYR B 102 -3.82 21.58 -5.48
N THR B 103 -3.13 21.87 -6.58
CA THR B 103 -3.56 22.92 -7.49
C THR B 103 -4.86 22.47 -8.16
N LEU B 104 -4.89 21.20 -8.55
CA LEU B 104 -6.08 20.60 -9.15
C LEU B 104 -7.20 20.48 -8.12
N SER B 105 -6.85 20.07 -6.91
CA SER B 105 -7.82 19.93 -5.84
C SER B 105 -8.44 21.27 -5.47
N ALA B 106 -7.64 22.34 -5.55
CA ALA B 106 -8.12 23.67 -5.27
C ALA B 106 -9.12 24.14 -6.31
N VAL B 107 -8.76 24.00 -7.58
CA VAL B 107 -9.61 24.41 -8.69
C VAL B 107 -10.93 23.64 -8.69
N GLN B 108 -10.86 22.35 -8.39
CA GLN B 108 -12.05 21.50 -8.33
C GLN B 108 -13.02 21.99 -7.28
N ILE B 109 -12.49 22.45 -6.15
CA ILE B 109 -13.32 22.99 -5.07
C ILE B 109 -13.91 24.34 -5.49
N LEU B 110 -13.09 25.18 -6.11
CA LEU B 110 -13.53 26.49 -6.56
C LEU B 110 -14.55 26.39 -7.69
N THR B 111 -14.59 25.25 -8.36
CA THR B 111 -15.53 25.03 -9.45
C THR B 111 -16.89 24.62 -8.91
N LEU B 112 -16.88 23.90 -7.79
CA LEU B 112 -18.12 23.48 -7.13
C LEU B 112 -18.88 24.69 -6.59
N TYR B 113 -18.14 25.64 -6.04
CA TYR B 113 -18.73 26.84 -5.45
C TYR B 113 -18.87 27.98 -6.45
N ASP B 114 -18.45 27.72 -7.70
CA ASP B 114 -18.49 28.70 -8.77
C ASP B 114 -17.74 29.98 -8.39
N SER B 115 -16.72 29.83 -7.56
CA SER B 115 -15.90 30.96 -7.15
C SER B 115 -14.45 30.75 -7.58
N ILE B 116 -14.23 30.74 -8.89
CA ILE B 116 -12.92 30.49 -9.46
C ILE B 116 -12.03 31.73 -9.40
N ASN B 117 -12.65 32.90 -9.26
CA ASN B 117 -11.91 34.15 -9.27
C ASN B 117 -11.42 34.59 -7.89
N VAL B 118 -11.57 33.71 -6.91
CA VAL B 118 -11.00 33.95 -5.59
C VAL B 118 -9.47 33.94 -5.70
N ILE B 119 -8.99 33.10 -6.61
CA ILE B 119 -7.56 32.96 -6.87
C ILE B 119 -7.22 33.46 -8.26
N ASP B 120 -6.08 34.15 -8.40
CA ASP B 120 -5.62 34.64 -9.69
C ASP B 120 -5.53 33.51 -10.70
N VAL B 121 -6.48 33.47 -11.63
CA VAL B 121 -6.57 32.43 -12.63
C VAL B 121 -5.33 32.40 -13.53
N ASN B 122 -4.83 33.59 -13.88
CA ASN B 122 -3.69 33.71 -14.77
C ASN B 122 -2.42 33.09 -14.20
N LYS B 123 -2.14 33.35 -12.93
CA LYS B 123 -0.93 32.85 -12.29
C LYS B 123 -0.95 31.33 -12.11
N VAL B 124 -2.14 30.75 -12.03
CA VAL B 124 -2.28 29.31 -11.92
C VAL B 124 -1.85 28.63 -13.22
N VAL B 125 -2.36 29.15 -14.33
CA VAL B 125 -2.03 28.64 -15.65
C VAL B 125 -0.53 28.74 -15.93
N GLU B 126 0.05 29.86 -15.50
CA GLU B 126 1.49 30.09 -15.68
C GLU B 126 2.33 29.10 -14.90
N TYR B 127 1.79 28.61 -13.79
CA TYR B 127 2.49 27.63 -12.96
C TYR B 127 2.49 26.27 -13.63
N VAL B 128 1.37 25.92 -14.27
CA VAL B 128 1.25 24.65 -14.95
C VAL B 128 2.15 24.59 -16.19
N LYS B 129 2.28 25.71 -16.88
CA LYS B 129 3.12 25.80 -18.07
C LYS B 129 4.57 25.45 -17.78
N GLY B 130 5.11 26.01 -16.70
CA GLY B 130 6.52 25.84 -16.36
C GLY B 130 6.89 24.45 -15.90
N LEU B 131 5.89 23.60 -15.70
CA LEU B 131 6.14 22.24 -15.23
C LEU B 131 6.27 21.26 -16.40
N GLN B 132 5.82 21.68 -17.58
CA GLN B 132 5.91 20.85 -18.77
C GLN B 132 7.34 20.80 -19.30
N LYS B 133 7.81 19.59 -19.61
CA LYS B 133 9.16 19.41 -20.12
C LYS B 133 9.18 19.46 -21.65
N GLU B 134 10.34 19.20 -22.23
CA GLU B 134 10.52 19.28 -23.67
C GLU B 134 9.82 18.14 -24.40
N ASP B 135 9.81 16.96 -23.79
CA ASP B 135 9.18 15.79 -24.40
C ASP B 135 7.66 15.88 -24.36
N GLY B 136 7.13 16.49 -23.30
CA GLY B 136 5.70 16.64 -23.14
C GLY B 136 5.21 16.19 -21.78
N SER B 137 6.14 15.70 -20.95
CA SER B 137 5.81 15.24 -19.61
C SER B 137 5.59 16.42 -18.66
N PHE B 138 4.98 16.15 -17.52
CA PHE B 138 4.75 17.18 -16.51
C PHE B 138 5.36 16.78 -15.17
N ALA B 139 5.83 17.78 -14.42
CA ALA B 139 6.37 17.54 -13.09
C ALA B 139 5.34 17.90 -12.03
N GLY B 140 5.44 17.28 -10.86
CA GLY B 140 4.53 17.56 -9.76
C GLY B 140 4.75 18.96 -9.22
N ASP B 141 6.01 19.30 -8.99
CA ASP B 141 6.40 20.63 -8.55
C ASP B 141 7.63 21.11 -9.29
N ILE B 142 8.31 22.11 -8.73
CA ILE B 142 9.49 22.68 -9.38
C ILE B 142 10.72 21.81 -9.20
N TRP B 143 10.56 20.69 -8.50
CA TRP B 143 11.69 19.80 -8.23
C TRP B 143 11.86 18.75 -9.32
N GLY B 144 10.84 18.60 -10.16
CA GLY B 144 10.94 17.76 -11.34
C GLY B 144 10.67 16.28 -11.16
N GLU B 145 9.56 15.95 -10.49
CA GLU B 145 9.14 14.56 -10.36
C GLU B 145 8.19 14.20 -11.49
N ILE B 146 8.60 13.24 -12.32
CA ILE B 146 7.83 12.87 -13.51
C ILE B 146 6.83 11.76 -13.22
N ASP B 147 5.58 11.99 -13.62
CA ASP B 147 4.51 11.02 -13.43
C ASP B 147 3.36 11.32 -14.39
N THR B 148 2.56 10.31 -14.71
CA THR B 148 1.42 10.49 -15.60
C THR B 148 0.23 11.11 -14.87
N ARG B 149 0.26 11.05 -13.54
CA ARG B 149 -0.75 11.73 -12.72
C ARG B 149 -0.69 13.23 -12.99
N PHE B 150 0.53 13.75 -13.04
CA PHE B 150 0.77 15.17 -13.23
C PHE B 150 0.38 15.63 -14.62
N SER B 151 0.47 14.71 -15.59
CA SER B 151 0.00 14.99 -16.94
C SER B 151 -1.52 15.12 -16.95
N PHE B 152 -2.17 14.33 -16.10
CA PHE B 152 -3.62 14.41 -15.96
C PHE B 152 -4.00 15.67 -15.18
N CYS B 153 -3.33 15.89 -14.05
CA CYS B 153 -3.60 17.04 -13.20
C CYS B 153 -3.43 18.35 -13.96
N ALA B 154 -2.48 18.37 -14.90
CA ALA B 154 -2.22 19.56 -15.70
C ALA B 154 -3.42 19.90 -16.58
N VAL B 155 -3.80 18.95 -17.44
CA VAL B 155 -4.88 19.19 -18.40
C VAL B 155 -6.24 19.25 -17.74
N ALA B 156 -6.37 18.66 -16.55
CA ALA B 156 -7.64 18.70 -15.83
C ALA B 156 -7.85 20.08 -15.22
N THR B 157 -6.78 20.67 -14.71
CA THR B 157 -6.84 22.00 -14.13
C THR B 157 -7.12 23.05 -15.21
N LEU B 158 -6.37 22.98 -16.31
CA LEU B 158 -6.50 23.95 -17.39
C LEU B 158 -7.84 23.84 -18.11
N ALA B 159 -8.42 22.64 -18.10
CA ALA B 159 -9.73 22.44 -18.72
C ALA B 159 -10.82 23.10 -17.88
N LEU B 160 -10.61 23.16 -16.58
CA LEU B 160 -11.56 23.80 -15.67
C LEU B 160 -11.33 25.31 -15.62
N LEU B 161 -10.26 25.76 -16.26
CA LEU B 161 -9.95 27.18 -16.35
C LEU B 161 -10.24 27.71 -17.74
N GLY B 162 -10.53 26.79 -18.66
CA GLY B 162 -10.84 27.16 -20.04
C GLY B 162 -9.61 27.52 -20.84
N LYS B 163 -8.45 27.11 -20.35
CA LYS B 163 -7.18 27.42 -21.01
C LYS B 163 -6.32 26.18 -21.18
N LEU B 164 -6.86 25.19 -21.90
CA LEU B 164 -6.18 23.93 -22.11
C LEU B 164 -5.04 24.05 -23.13
N ASP B 165 -5.27 24.86 -24.16
CA ASP B 165 -4.30 25.03 -25.23
C ASP B 165 -3.09 25.87 -24.80
N ALA B 166 -3.10 26.30 -23.55
CA ALA B 166 -2.03 27.12 -23.00
C ALA B 166 -0.71 26.36 -22.98
N ILE B 167 -0.80 25.04 -22.86
CA ILE B 167 0.40 24.20 -22.87
C ILE B 167 0.58 23.52 -24.22
N ASN B 168 1.71 22.86 -24.41
CA ASN B 168 1.98 22.12 -25.63
C ASN B 168 1.17 20.82 -25.64
N VAL B 169 -0.06 20.91 -26.12
CA VAL B 169 -0.98 19.77 -26.14
C VAL B 169 -0.43 18.64 -27.01
N GLU B 170 0.22 19.01 -28.12
CA GLU B 170 0.74 18.03 -29.06
C GLU B 170 1.77 17.10 -28.42
N LYS B 171 2.69 17.68 -27.66
CA LYS B 171 3.75 16.90 -27.01
C LYS B 171 3.26 16.24 -25.73
N ALA B 172 2.24 16.83 -25.10
CA ALA B 172 1.68 16.28 -23.87
C ALA B 172 1.03 14.93 -24.12
N ILE B 173 0.34 14.81 -25.25
CA ILE B 173 -0.28 13.56 -25.65
C ILE B 173 0.79 12.55 -26.08
N GLU B 174 1.84 13.06 -26.71
CA GLU B 174 2.94 12.23 -27.20
C GLU B 174 3.63 11.47 -26.07
N PHE B 175 3.70 12.09 -24.89
CA PHE B 175 4.35 11.46 -23.75
C PHE B 175 3.48 10.40 -23.10
N VAL B 176 2.19 10.68 -22.96
CA VAL B 176 1.26 9.76 -22.31
C VAL B 176 1.11 8.46 -23.09
N LEU B 177 1.03 8.57 -24.42
CA LEU B 177 0.89 7.41 -25.27
C LEU B 177 2.14 6.53 -25.26
N SER B 178 3.26 7.11 -24.83
CA SER B 178 4.53 6.38 -24.76
C SER B 178 4.62 5.59 -23.45
N CYS B 179 3.69 5.83 -22.54
CA CYS B 179 3.67 5.13 -21.26
C CYS B 179 2.80 3.88 -21.33
N MET B 180 2.21 3.64 -22.50
CA MET B 180 1.37 2.46 -22.68
C MET B 180 2.22 1.21 -22.81
N ASN B 181 1.88 0.19 -22.02
CA ASN B 181 2.62 -1.08 -22.06
C ASN B 181 2.00 -2.07 -23.03
N PHE B 182 2.28 -3.35 -22.82
CA PHE B 182 1.82 -4.41 -23.72
C PHE B 182 0.37 -4.80 -23.44
N ASP B 183 0.02 -4.83 -22.17
CA ASP B 183 -1.33 -5.20 -21.76
C ASP B 183 -2.34 -4.08 -22.03
N GLY B 184 -1.84 -2.95 -22.54
CA GLY B 184 -2.69 -1.83 -22.88
C GLY B 184 -2.79 -0.82 -21.76
N GLY B 185 -2.33 -1.22 -20.57
CA GLY B 185 -2.39 -0.36 -19.40
C GLY B 185 -1.31 0.69 -19.38
N PHE B 186 -1.39 1.60 -18.41
CA PHE B 186 -0.41 2.67 -18.27
C PHE B 186 0.28 2.62 -16.91
N GLY B 187 1.45 3.25 -16.82
CA GLY B 187 2.19 3.32 -15.57
C GLY B 187 2.60 4.75 -15.26
N CYS B 188 3.48 4.90 -14.29
CA CYS B 188 4.00 6.22 -13.93
C CYS B 188 4.87 6.80 -15.03
N ARG B 189 5.88 6.03 -15.41
CA ARG B 189 6.83 6.46 -16.44
C ARG B 189 6.88 5.43 -17.56
N PRO B 190 7.40 5.82 -18.74
CA PRO B 190 7.55 4.86 -19.84
C PRO B 190 8.36 3.63 -19.45
N GLY B 191 7.66 2.51 -19.23
CA GLY B 191 8.32 1.28 -18.84
C GLY B 191 7.85 0.79 -17.48
N SER B 192 7.14 1.64 -16.75
CA SER B 192 6.64 1.29 -15.43
C SER B 192 5.51 0.26 -15.52
N GLU B 193 5.27 -0.43 -14.42
CA GLU B 193 4.23 -1.44 -14.34
C GLU B 193 2.85 -0.83 -14.50
N SER B 194 1.96 -1.53 -15.20
CA SER B 194 0.59 -1.07 -15.38
C SER B 194 -0.14 -0.95 -14.04
N HIS B 195 -0.81 0.18 -13.84
CA HIS B 195 -1.53 0.44 -12.61
C HIS B 195 -2.87 1.09 -12.90
N ALA B 196 -3.93 0.60 -12.25
CA ALA B 196 -5.28 1.08 -12.49
C ALA B 196 -5.43 2.57 -12.21
N GLY B 197 -4.66 3.05 -11.23
CA GLY B 197 -4.70 4.46 -10.88
C GLY B 197 -4.12 5.33 -11.98
N GLN B 198 -2.98 4.92 -12.52
CA GLN B 198 -2.34 5.65 -13.61
C GLN B 198 -3.14 5.53 -14.90
N ILE B 199 -3.87 4.44 -15.05
CA ILE B 199 -4.76 4.26 -16.19
C ILE B 199 -5.91 5.26 -16.10
N TYR B 200 -6.45 5.44 -14.90
CA TYR B 200 -7.51 6.41 -14.65
C TYR B 200 -7.08 7.81 -15.03
N CYS B 201 -5.79 8.12 -14.85
CA CYS B 201 -5.25 9.42 -15.19
C CYS B 201 -5.02 9.56 -16.68
N CYS B 202 -4.46 8.51 -17.29
CA CYS B 202 -4.12 8.55 -18.71
C CYS B 202 -5.36 8.49 -19.61
N THR B 203 -6.35 7.70 -19.21
CA THR B 203 -7.60 7.63 -19.94
C THR B 203 -8.37 8.94 -19.79
N GLY B 204 -8.25 9.55 -18.61
CA GLY B 204 -8.85 10.84 -18.36
C GLY B 204 -8.11 11.93 -19.11
N PHE B 205 -6.81 11.75 -19.27
CA PHE B 205 -5.97 12.67 -20.04
C PHE B 205 -6.40 12.69 -21.50
N LEU B 206 -6.43 11.51 -22.11
CA LEU B 206 -6.74 11.37 -23.53
C LEU B 206 -8.21 11.69 -23.82
N ALA B 207 -9.03 11.78 -22.78
CA ALA B 207 -10.42 12.16 -22.93
C ALA B 207 -10.53 13.67 -23.10
N ILE B 208 -9.80 14.40 -22.26
CA ILE B 208 -9.79 15.86 -22.32
C ILE B 208 -9.13 16.35 -23.60
N THR B 209 -8.01 15.73 -23.96
CA THR B 209 -7.27 16.11 -25.16
C THR B 209 -7.88 15.50 -26.43
N SER B 210 -8.98 14.77 -26.25
CA SER B 210 -9.69 14.13 -27.36
C SER B 210 -8.79 13.21 -28.18
N GLN B 211 -8.26 12.18 -27.52
CA GLN B 211 -7.40 11.22 -28.19
C GLN B 211 -7.74 9.79 -27.76
N LEU B 212 -9.03 9.53 -27.56
CA LEU B 212 -9.48 8.21 -27.13
C LEU B 212 -9.50 7.22 -28.29
N HIS B 213 -9.40 7.73 -29.51
CA HIS B 213 -9.40 6.90 -30.70
C HIS B 213 -8.07 6.16 -30.86
N GLN B 214 -7.03 6.66 -30.20
CA GLN B 214 -5.72 6.01 -30.23
C GLN B 214 -5.57 5.07 -29.05
N VAL B 215 -6.69 4.62 -28.51
CA VAL B 215 -6.69 3.70 -27.38
C VAL B 215 -7.44 2.41 -27.72
N ASN B 216 -6.79 1.27 -27.56
CA ASN B 216 -7.43 -0.01 -27.77
C ASN B 216 -8.46 -0.27 -26.68
N SER B 217 -9.72 0.03 -26.96
CA SER B 217 -10.79 -0.10 -25.99
C SER B 217 -11.05 -1.56 -25.62
N ASP B 218 -10.66 -2.46 -26.50
CA ASP B 218 -10.86 -3.89 -26.27
C ASP B 218 -9.76 -4.48 -25.38
N LEU B 219 -8.52 -4.15 -25.69
CA LEU B 219 -7.38 -4.70 -24.95
C LEU B 219 -7.26 -4.07 -23.56
N LEU B 220 -7.40 -2.74 -23.50
CA LEU B 220 -7.33 -2.03 -22.23
C LEU B 220 -8.50 -2.40 -21.33
N GLY B 221 -9.69 -2.51 -21.93
CA GLY B 221 -10.88 -2.90 -21.21
C GLY B 221 -10.76 -4.31 -20.67
N TRP B 222 -10.04 -5.16 -21.40
CA TRP B 222 -9.81 -6.54 -21.00
C TRP B 222 -8.96 -6.57 -19.72
N TRP B 223 -7.95 -5.72 -19.67
CA TRP B 223 -7.06 -5.63 -18.52
C TRP B 223 -7.84 -5.16 -17.29
N LEU B 224 -8.73 -4.20 -17.50
CA LEU B 224 -9.51 -3.62 -16.41
C LEU B 224 -10.57 -4.60 -15.89
N CYS B 225 -11.12 -5.42 -16.78
CA CYS B 225 -12.15 -6.37 -16.40
C CYS B 225 -11.58 -7.55 -15.63
N GLU B 226 -10.32 -7.87 -15.89
CA GLU B 226 -9.64 -8.97 -15.20
C GLU B 226 -9.34 -8.59 -13.74
N ARG B 227 -9.69 -7.37 -13.36
CA ARG B 227 -9.47 -6.89 -12.02
C ARG B 227 -10.68 -7.15 -11.12
N GLN B 228 -11.74 -7.69 -11.72
CA GLN B 228 -12.94 -8.01 -10.95
C GLN B 228 -12.83 -9.38 -10.31
N LEU B 229 -12.94 -9.40 -8.98
CA LEU B 229 -12.80 -10.63 -8.21
C LEU B 229 -14.17 -11.22 -7.89
N PRO B 230 -14.22 -12.53 -7.58
CA PRO B 230 -15.45 -13.25 -7.23
C PRO B 230 -16.36 -12.52 -6.24
N SER B 231 -15.80 -11.70 -5.37
CA SER B 231 -16.61 -10.93 -4.42
C SER B 231 -17.39 -9.83 -5.14
N GLY B 232 -16.93 -9.47 -6.33
CA GLY B 232 -17.57 -8.43 -7.11
C GLY B 232 -16.73 -7.16 -7.15
N GLY B 233 -15.84 -7.02 -6.16
CA GLY B 233 -14.99 -5.85 -6.05
C GLY B 233 -13.88 -5.82 -7.09
N LEU B 234 -13.23 -4.67 -7.20
CA LEU B 234 -12.15 -4.48 -8.17
C LEU B 234 -10.85 -4.14 -7.45
N ASN B 235 -9.73 -4.58 -8.02
CA ASN B 235 -8.42 -4.21 -7.49
C ASN B 235 -7.61 -3.44 -8.53
N GLY B 236 -6.48 -2.88 -8.10
CA GLY B 236 -5.65 -2.07 -8.97
C GLY B 236 -4.75 -2.88 -9.87
N ARG B 237 -4.26 -4.01 -9.35
CA ARG B 237 -3.33 -4.85 -10.09
C ARG B 237 -3.60 -6.33 -9.77
N PRO B 238 -3.07 -7.25 -10.62
CA PRO B 238 -3.24 -8.68 -10.37
C PRO B 238 -2.81 -9.12 -8.97
N GLU B 239 -3.52 -10.10 -8.42
CA GLU B 239 -3.24 -10.66 -7.10
C GLU B 239 -3.28 -9.60 -5.99
N LYS B 240 -4.20 -8.66 -6.13
CA LYS B 240 -4.44 -7.65 -5.10
C LYS B 240 -5.85 -7.75 -4.57
N LEU B 241 -6.03 -7.46 -3.28
CA LEU B 241 -7.34 -7.47 -2.67
C LEU B 241 -8.23 -6.38 -3.28
N PRO B 242 -9.54 -6.60 -3.32
CA PRO B 242 -10.44 -5.59 -3.90
C PRO B 242 -10.52 -4.34 -3.04
N ASP B 243 -10.57 -3.18 -3.68
CA ASP B 243 -10.57 -1.90 -2.97
C ASP B 243 -11.57 -0.94 -3.60
N VAL B 244 -12.28 -0.19 -2.76
CA VAL B 244 -13.29 0.76 -3.23
C VAL B 244 -12.68 1.85 -4.09
N CYS B 245 -11.53 2.37 -3.67
CA CYS B 245 -10.82 3.38 -4.44
C CYS B 245 -10.42 2.83 -5.80
N TYR B 246 -9.90 1.60 -5.80
CA TYR B 246 -9.56 0.91 -7.04
C TYR B 246 -10.82 0.57 -7.82
N SER B 247 -11.90 0.33 -7.10
CA SER B 247 -13.19 0.01 -7.73
C SER B 247 -13.71 1.19 -8.54
N TRP B 248 -13.38 2.40 -8.11
CA TRP B 248 -13.79 3.60 -8.82
C TRP B 248 -12.90 3.86 -10.04
N TRP B 249 -11.59 3.75 -9.85
CA TRP B 249 -10.63 4.03 -10.91
C TRP B 249 -10.77 3.08 -12.09
N VAL B 250 -11.06 1.81 -11.79
CA VAL B 250 -11.27 0.81 -12.84
C VAL B 250 -12.62 1.04 -13.51
N LEU B 251 -13.65 1.33 -12.71
CA LEU B 251 -14.99 1.56 -13.21
C LEU B 251 -15.04 2.80 -14.11
N ALA B 252 -14.45 3.89 -13.64
CA ALA B 252 -14.46 5.15 -14.38
C ALA B 252 -13.69 5.04 -15.69
N SER B 253 -12.62 4.26 -15.69
CA SER B 253 -11.83 4.04 -16.90
C SER B 253 -12.65 3.31 -17.96
N LEU B 254 -13.42 2.32 -17.51
CA LEU B 254 -14.28 1.56 -18.41
C LEU B 254 -15.34 2.46 -19.05
N LYS B 255 -15.89 3.36 -18.25
CA LYS B 255 -16.89 4.31 -18.74
C LYS B 255 -16.27 5.25 -19.78
N ILE B 256 -15.00 5.56 -19.59
CA ILE B 256 -14.28 6.43 -20.52
C ILE B 256 -14.03 5.72 -21.86
N ILE B 257 -13.51 4.51 -21.80
CA ILE B 257 -13.18 3.76 -23.01
C ILE B 257 -14.42 3.10 -23.61
N GLY B 258 -15.55 3.23 -22.94
CA GLY B 258 -16.82 2.74 -23.45
C GLY B 258 -17.06 1.27 -23.25
N ARG B 259 -16.39 0.68 -22.25
CA ARG B 259 -16.56 -0.73 -21.94
C ARG B 259 -17.03 -0.94 -20.51
N LEU B 260 -18.08 -0.22 -20.12
CA LEU B 260 -18.60 -0.29 -18.77
C LEU B 260 -19.56 -1.47 -18.59
N HIS B 261 -20.17 -1.89 -19.69
CA HIS B 261 -21.20 -2.94 -19.66
C HIS B 261 -20.63 -4.34 -19.52
N TRP B 262 -19.31 -4.46 -19.59
CA TRP B 262 -18.67 -5.77 -19.54
C TRP B 262 -18.64 -6.36 -18.13
N ILE B 263 -18.40 -5.51 -17.14
CA ILE B 263 -18.29 -5.98 -15.75
C ILE B 263 -19.66 -6.22 -15.12
N ASP B 264 -19.69 -7.05 -14.09
CA ASP B 264 -20.92 -7.36 -13.37
C ASP B 264 -21.26 -6.22 -12.41
N ARG B 265 -22.20 -5.38 -12.82
CA ARG B 265 -22.55 -4.18 -12.06
C ARG B 265 -23.25 -4.48 -10.74
N GLU B 266 -24.02 -5.57 -10.71
CA GLU B 266 -24.77 -5.92 -9.52
C GLU B 266 -23.86 -6.46 -8.41
N LYS B 267 -22.86 -7.24 -8.81
CA LYS B 267 -21.90 -7.78 -7.85
C LYS B 267 -21.01 -6.70 -7.28
N LEU B 268 -20.59 -5.77 -8.13
CA LEU B 268 -19.74 -4.66 -7.71
C LEU B 268 -20.51 -3.71 -6.81
N ARG B 269 -21.80 -3.53 -7.10
CA ARG B 269 -22.65 -2.67 -6.28
C ARG B 269 -22.77 -3.22 -4.86
N ASN B 270 -22.94 -4.53 -4.74
CA ASN B 270 -23.05 -5.17 -3.45
C ASN B 270 -21.73 -5.15 -2.68
N PHE B 271 -20.63 -5.03 -3.40
CA PHE B 271 -19.32 -4.92 -2.78
C PHE B 271 -19.15 -3.55 -2.12
N ILE B 272 -19.50 -2.50 -2.87
CA ILE B 272 -19.39 -1.13 -2.38
C ILE B 272 -20.31 -0.91 -1.18
N LEU B 273 -21.54 -1.41 -1.27
CA LEU B 273 -22.51 -1.27 -0.19
C LEU B 273 -22.07 -2.01 1.06
N ALA B 274 -21.31 -3.09 0.88
CA ALA B 274 -20.84 -3.89 2.00
C ALA B 274 -19.74 -3.17 2.77
N CYS B 275 -19.12 -2.19 2.13
CA CYS B 275 -18.05 -1.43 2.75
C CYS B 275 -18.57 -0.28 3.60
N GLN B 276 -19.90 -0.16 3.67
CA GLN B 276 -20.54 0.88 4.45
C GLN B 276 -20.42 0.61 5.95
N ASP B 277 -20.72 1.63 6.75
CA ASP B 277 -20.72 1.49 8.21
C ASP B 277 -22.11 1.87 8.74
N GLU B 278 -22.85 0.87 9.20
CA GLU B 278 -24.23 1.08 9.65
C GLU B 278 -24.31 1.89 10.94
N GLU B 279 -23.18 2.05 11.62
CA GLU B 279 -23.15 2.77 12.89
C GLU B 279 -22.69 4.22 12.71
N THR B 280 -21.53 4.40 12.09
CA THR B 280 -20.94 5.73 11.94
C THR B 280 -21.23 6.35 10.59
N GLY B 281 -21.12 5.54 9.54
CA GLY B 281 -21.31 6.03 8.18
C GLY B 281 -20.00 6.11 7.43
N GLY B 282 -20.07 6.49 6.15
CA GLY B 282 -18.89 6.58 5.32
C GLY B 282 -18.48 5.23 4.76
N PHE B 283 -17.54 5.25 3.82
CA PHE B 283 -17.06 4.01 3.19
C PHE B 283 -15.65 3.67 3.62
N ALA B 284 -15.39 2.38 3.82
CA ALA B 284 -14.05 1.89 4.05
C ALA B 284 -13.55 1.22 2.78
N ASP B 285 -12.29 0.80 2.77
CA ASP B 285 -11.72 0.14 1.60
C ASP B 285 -12.29 -1.27 1.44
N ARG B 286 -12.44 -1.97 2.56
CA ARG B 286 -12.96 -3.32 2.58
C ARG B 286 -13.94 -3.49 3.73
N PRO B 287 -14.93 -4.39 3.58
CA PRO B 287 -15.94 -4.61 4.62
C PRO B 287 -15.33 -5.01 5.96
N GLY B 288 -15.34 -4.08 6.92
CA GLY B 288 -14.82 -4.36 8.25
C GLY B 288 -13.80 -3.35 8.71
N ASP B 289 -13.05 -2.77 7.77
CA ASP B 289 -12.01 -1.81 8.11
C ASP B 289 -12.60 -0.45 8.50
N MET B 290 -11.72 0.48 8.88
CA MET B 290 -12.14 1.81 9.30
C MET B 290 -12.46 2.69 8.08
N VAL B 291 -13.51 3.49 8.21
CA VAL B 291 -13.92 4.38 7.13
C VAL B 291 -13.15 5.70 7.16
N ASP B 292 -13.16 6.40 6.02
CA ASP B 292 -12.51 7.70 5.90
C ASP B 292 -13.13 8.48 4.74
N PRO B 293 -13.06 9.81 4.79
CA PRO B 293 -13.60 10.67 3.73
C PRO B 293 -13.06 10.35 2.33
N PHE B 294 -11.87 9.75 2.28
CA PHE B 294 -11.26 9.37 1.01
C PHE B 294 -12.09 8.32 0.27
N HIS B 295 -12.32 7.19 0.93
CA HIS B 295 -13.06 6.09 0.31
C HIS B 295 -14.56 6.39 0.25
N THR B 296 -15.01 7.33 1.09
CA THR B 296 -16.42 7.71 1.12
C THR B 296 -16.84 8.34 -0.20
N LEU B 297 -15.93 9.08 -0.81
CA LEU B 297 -16.18 9.70 -2.10
C LEU B 297 -16.30 8.65 -3.20
N PHE B 298 -15.31 7.75 -3.26
CA PHE B 298 -15.24 6.75 -4.30
C PHE B 298 -16.32 5.67 -4.15
N GLY B 299 -16.83 5.52 -2.93
CA GLY B 299 -17.93 4.60 -2.69
C GLY B 299 -19.22 5.16 -3.22
N ILE B 300 -19.43 6.45 -3.00
CA ILE B 300 -20.61 7.15 -3.49
C ILE B 300 -20.54 7.34 -5.00
N ALA B 301 -19.38 7.75 -5.49
CA ALA B 301 -19.18 7.98 -6.92
C ALA B 301 -19.25 6.67 -7.70
N GLY B 302 -18.88 5.57 -7.05
CA GLY B 302 -18.93 4.26 -7.69
C GLY B 302 -20.35 3.82 -7.95
N LEU B 303 -21.22 4.01 -6.96
CA LEU B 303 -22.62 3.64 -7.07
C LEU B 303 -23.35 4.55 -8.06
N SER B 304 -22.88 5.79 -8.17
CA SER B 304 -23.49 6.76 -9.08
C SER B 304 -23.29 6.35 -10.53
N LEU B 305 -22.12 5.79 -10.83
CA LEU B 305 -21.83 5.32 -12.18
C LEU B 305 -22.65 4.07 -12.52
N LEU B 306 -22.96 3.28 -11.50
CA LEU B 306 -23.75 2.07 -11.70
C LEU B 306 -25.22 2.40 -11.86
N GLY B 307 -25.58 3.65 -11.59
CA GLY B 307 -26.93 4.12 -11.84
C GLY B 307 -27.78 4.31 -10.61
N GLU B 308 -27.16 4.63 -9.48
CA GLU B 308 -27.90 4.91 -8.26
C GLU B 308 -28.63 6.25 -8.39
N GLU B 309 -29.95 6.21 -8.28
CA GLU B 309 -30.78 7.38 -8.51
C GLU B 309 -30.75 8.37 -7.35
N GLN B 310 -30.35 7.89 -6.17
CA GLN B 310 -30.27 8.74 -4.99
C GLN B 310 -29.02 9.60 -5.00
N ILE B 311 -28.15 9.35 -5.98
CA ILE B 311 -26.91 10.10 -6.12
C ILE B 311 -26.84 10.79 -7.48
N LYS B 312 -26.43 12.05 -7.49
CA LYS B 312 -26.28 12.80 -8.73
C LYS B 312 -25.29 12.12 -9.68
N PRO B 313 -25.56 12.22 -11.00
CA PRO B 313 -24.66 11.67 -12.02
C PRO B 313 -23.25 12.25 -11.89
N VAL B 314 -22.26 11.36 -11.81
CA VAL B 314 -20.88 11.79 -11.61
C VAL B 314 -20.06 11.65 -12.90
N ASN B 315 -19.18 12.61 -13.14
CA ASN B 315 -18.30 12.57 -14.30
C ASN B 315 -17.10 11.67 -14.03
N PRO B 316 -16.86 10.70 -14.94
CA PRO B 316 -15.80 9.70 -14.75
C PRO B 316 -14.39 10.27 -14.83
N VAL B 317 -14.23 11.41 -15.48
CA VAL B 317 -12.91 12.00 -15.68
C VAL B 317 -12.47 12.88 -14.51
N PHE B 318 -13.35 13.80 -14.12
CA PHE B 318 -13.01 14.78 -13.09
C PHE B 318 -13.47 14.37 -11.69
N CYS B 319 -14.27 13.31 -11.62
CA CYS B 319 -14.88 12.86 -10.38
C CYS B 319 -15.66 14.00 -9.72
N MET B 320 -16.51 14.64 -10.51
CA MET B 320 -17.33 15.75 -10.04
C MET B 320 -18.76 15.60 -10.58
N PRO B 321 -19.74 16.16 -9.85
CA PRO B 321 -21.14 16.13 -10.30
C PRO B 321 -21.29 16.69 -11.71
N GLU B 322 -22.08 16.02 -12.54
CA GLU B 322 -22.23 16.40 -13.95
C GLU B 322 -22.84 17.80 -14.09
N GLU B 323 -23.72 18.16 -13.17
CA GLU B 323 -24.39 19.47 -13.22
C GLU B 323 -23.39 20.61 -13.01
N VAL B 324 -22.28 20.30 -12.33
CA VAL B 324 -21.24 21.29 -12.09
C VAL B 324 -20.41 21.53 -13.34
N LEU B 325 -20.08 20.45 -14.05
CA LEU B 325 -19.27 20.53 -15.25
C LEU B 325 -20.09 20.98 -16.46
N GLN B 326 -21.42 20.85 -16.36
CA GLN B 326 -22.31 21.35 -17.40
C GLN B 326 -22.34 22.88 -17.37
N ARG B 327 -22.16 23.44 -16.18
CA ARG B 327 -22.17 24.89 -15.99
C ARG B 327 -20.96 25.55 -16.64
N VAL B 328 -19.79 24.95 -16.45
CA VAL B 328 -18.55 25.51 -16.96
C VAL B 328 -18.21 24.96 -18.35
N ASN B 329 -19.18 24.27 -18.95
CA ASN B 329 -19.08 23.79 -20.34
C ASN B 329 -17.86 22.91 -20.63
N VAL B 330 -17.53 22.01 -19.73
CA VAL B 330 -16.46 21.05 -19.97
C VAL B 330 -16.96 19.61 -19.79
N GLN B 331 -17.19 18.94 -20.91
CA GLN B 331 -17.63 17.56 -20.92
C GLN B 331 -17.02 16.81 -22.10
N PRO B 332 -15.82 16.24 -21.90
CA PRO B 332 -15.08 15.52 -22.92
C PRO B 332 -15.89 14.36 -23.51
N GLU B 333 -15.79 14.16 -24.82
CA GLU B 333 -16.49 13.06 -25.47
C GLU B 333 -15.95 11.71 -25.01
N LEU B 334 -16.86 10.79 -24.70
CA LEU B 334 -16.47 9.45 -24.30
C LEU B 334 -16.75 8.47 -25.43
N VAL B 335 -16.09 7.32 -25.40
CA VAL B 335 -16.27 6.31 -26.43
C VAL B 335 -17.66 5.70 -26.35
N SER B 336 -18.34 5.63 -27.49
CA SER B 336 -19.68 5.07 -27.56
C SER B 336 -19.68 3.56 -27.30
N MET C 1 5.72 -16.93 0.98
CA MET C 1 6.02 -18.32 1.27
C MET C 1 6.76 -18.46 2.59
N LYS C 2 6.06 -18.22 3.69
CA LYS C 2 6.66 -18.33 5.02
C LYS C 2 5.72 -19.03 6.00
N LEU C 3 6.30 -19.60 7.05
CA LEU C 3 5.55 -20.23 8.13
C LEU C 3 5.70 -19.43 9.41
N TYR C 4 4.60 -18.81 9.85
CA TYR C 4 4.64 -17.93 11.02
C TYR C 4 4.60 -18.72 12.33
N SER C 5 3.76 -19.74 12.39
CA SER C 5 3.58 -20.50 13.63
C SER C 5 3.52 -22.00 13.39
N LEU C 6 3.83 -22.77 14.44
CA LEU C 6 3.77 -24.22 14.42
C LEU C 6 3.72 -24.76 15.84
N SER C 7 2.51 -25.07 16.31
CA SER C 7 2.32 -25.46 17.69
C SER C 7 1.53 -26.76 17.84
N VAL C 8 1.95 -27.58 18.80
CA VAL C 8 1.24 -28.82 19.14
C VAL C 8 0.46 -28.62 20.43
N LEU C 9 -0.85 -28.78 20.36
CA LEU C 9 -1.71 -28.49 21.50
C LEU C 9 -2.55 -29.69 21.95
N TYR C 10 -2.94 -29.68 23.21
CA TYR C 10 -3.83 -30.69 23.77
C TYR C 10 -5.17 -30.05 24.12
N LYS C 11 -6.26 -30.75 23.82
CA LYS C 11 -7.59 -30.24 24.17
C LYS C 11 -8.29 -31.16 25.17
N GLY C 12 -8.46 -30.65 26.38
CA GLY C 12 -9.22 -31.37 27.39
C GLY C 12 -10.68 -30.96 27.37
N GLU C 13 -11.37 -31.18 28.48
CA GLU C 13 -12.78 -30.80 28.59
C GLU C 13 -12.93 -29.42 29.21
N ALA C 14 -11.85 -28.93 29.81
CA ALA C 14 -11.85 -27.60 30.40
C ALA C 14 -11.39 -26.56 29.40
N LYS C 15 -10.08 -26.55 29.12
CA LYS C 15 -9.50 -25.63 28.16
C LYS C 15 -8.33 -26.28 27.41
N VAL C 16 -7.97 -25.73 26.27
CA VAL C 16 -6.86 -26.26 25.47
C VAL C 16 -5.51 -25.96 26.12
N VAL C 17 -4.70 -26.99 26.29
CA VAL C 17 -3.40 -26.84 26.97
C VAL C 17 -2.24 -26.82 25.98
N LEU C 18 -1.37 -25.83 26.13
CA LEU C 18 -0.20 -25.69 25.26
C LEU C 18 0.86 -26.74 25.62
N LEU C 19 1.35 -27.46 24.62
CA LEU C 19 2.36 -28.49 24.83
C LEU C 19 3.74 -28.06 24.35
N LYS C 20 3.83 -27.74 23.06
CA LYS C 20 5.09 -27.33 22.46
C LYS C 20 4.84 -26.49 21.21
N ALA C 21 5.58 -25.39 21.09
CA ALA C 21 5.36 -24.46 19.98
C ALA C 21 6.67 -23.91 19.42
N ALA C 22 6.63 -23.50 18.16
CA ALA C 22 7.77 -22.87 17.49
C ALA C 22 7.31 -21.67 16.68
N TYR C 23 7.96 -20.53 16.89
CA TYR C 23 7.57 -19.31 16.21
C TYR C 23 8.70 -18.71 15.39
N ASP C 24 8.38 -18.25 14.19
CA ASP C 24 9.33 -17.55 13.34
C ASP C 24 8.82 -16.15 13.03
N VAL C 25 9.15 -15.20 13.90
CA VAL C 25 8.66 -13.83 13.77
C VAL C 25 9.74 -12.92 13.19
N SER C 26 10.45 -13.41 12.19
CA SER C 26 11.53 -12.66 11.57
C SER C 26 11.01 -11.73 10.48
N SER C 27 9.84 -12.04 9.95
CA SER C 27 9.26 -11.27 8.86
C SER C 27 8.66 -9.95 9.34
N PHE C 28 8.04 -9.98 10.51
CA PHE C 28 7.39 -8.80 11.06
C PHE C 28 8.41 -7.75 11.51
N SER C 29 7.93 -6.55 11.82
CA SER C 29 8.79 -5.49 12.33
C SER C 29 9.28 -5.85 13.73
N PHE C 30 10.35 -5.18 14.16
CA PHE C 30 11.05 -5.56 15.39
C PHE C 30 10.19 -5.48 16.65
N PHE C 31 9.40 -4.42 16.78
CA PHE C 31 8.69 -4.17 18.03
C PHE C 31 7.26 -4.70 18.02
N GLN C 32 6.93 -5.50 17.02
CA GLN C 32 5.62 -6.16 16.97
C GLN C 32 5.78 -7.65 17.22
N ARG C 33 7.02 -8.11 17.21
CA ARG C 33 7.34 -9.53 17.38
C ARG C 33 6.90 -10.06 18.74
N SER C 34 7.03 -9.22 19.77
CA SER C 34 6.65 -9.61 21.13
C SER C 34 5.14 -9.72 21.26
N SER C 35 4.41 -9.02 20.39
CA SER C 35 2.95 -8.99 20.45
C SER C 35 2.31 -10.05 19.57
N VAL C 36 2.67 -10.05 18.28
CA VAL C 36 2.03 -10.95 17.32
C VAL C 36 2.36 -12.41 17.57
N GLN C 37 3.40 -12.67 18.36
CA GLN C 37 3.74 -14.03 18.74
C GLN C 37 2.72 -14.56 19.73
N GLU C 38 2.22 -13.68 20.59
CA GLU C 38 1.20 -14.04 21.57
C GLU C 38 -0.15 -14.23 20.90
N PHE C 39 -0.39 -13.50 19.81
CA PHE C 39 -1.64 -13.63 19.06
C PHE C 39 -1.71 -14.98 18.35
N MET C 40 -0.56 -15.44 17.87
CA MET C 40 -0.49 -16.73 17.19
C MET C 40 -0.66 -17.88 18.19
N THR C 41 -0.50 -17.56 19.48
CA THR C 41 -0.75 -18.53 20.54
C THR C 41 -2.19 -18.39 21.03
N PHE C 42 -2.68 -17.16 21.04
CA PHE C 42 -4.06 -16.89 21.43
C PHE C 42 -5.04 -17.48 20.43
N THR C 43 -4.72 -17.34 19.14
CA THR C 43 -5.56 -17.91 18.09
C THR C 43 -5.48 -19.43 18.13
N SER C 44 -4.28 -19.96 18.30
CA SER C 44 -4.05 -21.41 18.32
C SER C 44 -4.93 -22.11 19.35
N GLN C 45 -5.13 -21.49 20.50
CA GLN C 45 -6.01 -22.05 21.52
C GLN C 45 -7.47 -22.03 21.05
N LEU C 46 -7.92 -20.88 20.57
CA LEU C 46 -9.30 -20.71 20.13
C LEU C 46 -9.66 -21.65 18.98
N ILE C 47 -8.71 -21.85 18.06
CA ILE C 47 -8.93 -22.72 16.91
C ILE C 47 -9.20 -24.15 17.35
N VAL C 48 -8.40 -24.63 18.30
CA VAL C 48 -8.57 -25.99 18.81
C VAL C 48 -9.80 -26.09 19.72
N GLU C 49 -10.10 -25.02 20.43
CA GLU C 49 -11.24 -24.98 21.36
C GLU C 49 -12.57 -25.26 20.66
N ARG C 50 -12.70 -24.81 19.42
CA ARG C 50 -13.94 -24.98 18.68
C ARG C 50 -13.94 -26.26 17.84
N SER C 51 -12.76 -26.64 17.38
CA SER C 51 -12.61 -27.81 16.51
C SER C 51 -12.99 -29.10 17.22
N SER C 52 -13.89 -29.87 16.61
CA SER C 52 -14.33 -31.14 17.17
C SER C 52 -13.29 -32.22 16.96
N LYS C 53 -13.27 -33.22 17.83
CA LYS C 53 -12.31 -34.31 17.73
C LYS C 53 -12.56 -35.18 16.51
N GLY C 54 -11.60 -35.19 15.58
CA GLY C 54 -11.70 -36.03 14.40
C GLY C 54 -12.01 -35.26 13.13
N THR C 55 -11.65 -33.99 13.11
CA THR C 55 -11.89 -33.15 11.94
C THR C 55 -10.63 -32.40 11.50
N ARG C 56 -10.80 -31.47 10.57
CA ARG C 56 -9.71 -30.63 10.09
C ARG C 56 -10.25 -29.40 9.38
N ALA C 57 -9.84 -28.22 9.83
CA ALA C 57 -10.35 -26.98 9.27
C ALA C 57 -9.23 -26.01 8.90
N SER C 58 -9.62 -24.87 8.35
CA SER C 58 -8.67 -23.82 7.99
C SER C 58 -9.37 -22.47 7.90
N VAL C 59 -8.97 -21.54 8.77
CA VAL C 59 -9.57 -20.21 8.78
C VAL C 59 -8.68 -19.22 8.04
N LYS C 60 -9.27 -18.48 7.10
CA LYS C 60 -8.53 -17.53 6.28
C LYS C 60 -8.95 -16.10 6.56
N GLU C 61 -8.00 -15.27 7.00
CA GLU C 61 -8.27 -13.86 7.21
C GLU C 61 -6.99 -13.03 7.04
N GLN C 62 -7.10 -11.95 6.27
CA GLN C 62 -5.98 -11.05 6.01
C GLN C 62 -4.76 -11.79 5.46
N ASP C 63 -3.65 -11.69 6.18
CA ASP C 63 -2.40 -12.33 5.77
C ASP C 63 -2.26 -13.71 6.41
N TYR C 64 -2.92 -13.89 7.54
CA TYR C 64 -2.84 -15.15 8.28
C TYR C 64 -3.63 -16.26 7.58
N LEU C 65 -3.13 -17.50 7.71
CA LEU C 65 -3.81 -18.67 7.17
C LEU C 65 -3.62 -19.85 8.11
N CYS C 66 -4.43 -19.90 9.16
CA CYS C 66 -4.29 -20.92 10.19
C CYS C 66 -4.80 -22.28 9.75
N HIS C 67 -3.89 -23.24 9.66
CA HIS C 67 -4.25 -24.63 9.35
C HIS C 67 -4.22 -25.45 10.63
N VAL C 68 -5.18 -26.37 10.77
CA VAL C 68 -5.30 -27.15 12.00
C VAL C 68 -5.72 -28.59 11.73
N TYR C 69 -5.11 -29.53 12.45
CA TYR C 69 -5.48 -30.94 12.37
C TYR C 69 -5.82 -31.48 13.76
N VAL C 70 -7.10 -31.53 14.07
CA VAL C 70 -7.58 -32.15 15.30
C VAL C 70 -7.86 -33.63 15.07
N ARG C 71 -6.92 -34.47 15.47
CA ARG C 71 -7.02 -35.91 15.22
C ARG C 71 -8.14 -36.55 16.04
N ASN C 72 -8.28 -37.87 15.89
CA ASN C 72 -9.32 -38.60 16.60
C ASN C 72 -9.14 -38.57 18.11
N ASP C 73 -7.90 -38.56 18.56
CA ASP C 73 -7.61 -38.48 19.99
C ASP C 73 -7.70 -37.03 20.48
N SER C 74 -7.08 -36.75 21.61
CA SER C 74 -7.26 -35.47 22.28
C SER C 74 -6.40 -34.33 21.71
N LEU C 75 -5.11 -34.59 21.51
CA LEU C 75 -4.18 -33.55 21.09
C LEU C 75 -4.44 -33.04 19.67
N ALA C 76 -3.79 -31.94 19.32
CA ALA C 76 -3.98 -31.32 18.02
C ALA C 76 -2.72 -30.61 17.54
N GLY C 77 -2.85 -29.78 16.51
CA GLY C 77 -1.73 -29.04 15.96
C GLY C 77 -2.16 -27.91 15.06
N VAL C 78 -1.58 -26.73 15.26
CA VAL C 78 -1.94 -25.56 14.47
C VAL C 78 -0.72 -24.93 13.81
N VAL C 79 -0.79 -24.78 12.48
CA VAL C 79 0.28 -24.12 11.73
C VAL C 79 -0.26 -22.90 10.99
N ILE C 80 0.37 -21.76 11.21
CA ILE C 80 -0.07 -20.50 10.61
C ILE C 80 0.91 -20.04 9.52
N ALA C 81 0.38 -19.77 8.34
CA ALA C 81 1.21 -19.36 7.22
C ALA C 81 0.57 -18.24 6.41
N ASP C 82 1.18 -17.92 5.27
CA ASP C 82 0.67 -16.88 4.38
C ASP C 82 -0.47 -17.41 3.52
N ASN C 83 -1.15 -16.50 2.83
CA ASN C 83 -2.15 -16.90 1.83
C ASN C 83 -1.45 -17.49 0.62
N GLU C 84 -0.15 -17.27 0.55
CA GLU C 84 0.69 -17.73 -0.55
C GLU C 84 1.06 -19.21 -0.37
N TYR C 85 1.23 -19.62 0.88
CA TYR C 85 1.63 -20.98 1.19
C TYR C 85 0.51 -21.97 0.88
N PRO C 86 0.85 -23.09 0.25
CA PRO C 86 -0.13 -24.14 -0.12
C PRO C 86 -0.89 -24.68 1.08
N SER C 87 -2.14 -25.05 0.87
CA SER C 87 -3.00 -25.50 1.97
C SER C 87 -2.65 -26.91 2.45
N ARG C 88 -2.71 -27.87 1.54
CA ARG C 88 -2.54 -29.28 1.91
C ARG C 88 -1.09 -29.65 2.23
N VAL C 89 -0.15 -28.84 1.74
CA VAL C 89 1.26 -29.05 2.05
C VAL C 89 1.51 -28.74 3.52
N ALA C 90 0.75 -27.78 4.05
CA ALA C 90 0.84 -27.43 5.46
C ALA C 90 0.33 -28.56 6.35
N PHE C 91 -0.54 -29.40 5.78
CA PHE C 91 -1.07 -30.54 6.51
C PHE C 91 -0.12 -31.74 6.46
N THR C 92 0.70 -31.80 5.41
CA THR C 92 1.71 -32.83 5.29
C THR C 92 2.73 -32.70 6.41
N LEU C 93 3.15 -31.47 6.68
CA LEU C 93 4.05 -31.17 7.78
C LEU C 93 3.34 -31.35 9.11
N LEU C 94 2.06 -31.03 9.15
CA LEU C 94 1.28 -31.07 10.38
C LEU C 94 1.03 -32.49 10.86
N GLU C 95 0.74 -33.39 9.93
CA GLU C 95 0.48 -34.78 10.27
C GLU C 95 1.74 -35.50 10.71
N LYS C 96 2.87 -35.17 10.09
CA LYS C 96 4.14 -35.81 10.39
C LYS C 96 4.61 -35.48 11.80
N VAL C 97 4.30 -34.27 12.25
CA VAL C 97 4.68 -33.82 13.59
C VAL C 97 3.89 -34.57 14.65
N LEU C 98 2.57 -34.65 14.46
CA LEU C 98 1.69 -35.31 15.41
C LEU C 98 2.00 -36.80 15.57
N ASP C 99 2.67 -37.37 14.58
CA ASP C 99 3.05 -38.78 14.62
C ASP C 99 4.35 -38.98 15.40
N GLU C 100 5.32 -38.11 15.16
CA GLU C 100 6.62 -38.20 15.83
C GLU C 100 6.56 -37.59 17.23
N PHE C 101 5.45 -36.92 17.53
CA PHE C 101 5.25 -36.34 18.85
C PHE C 101 4.70 -37.37 19.82
N SER C 102 3.92 -38.31 19.29
CA SER C 102 3.32 -39.35 20.11
C SER C 102 4.30 -40.47 20.41
N LYS C 103 5.40 -40.50 19.67
CA LYS C 103 6.42 -41.53 19.88
C LYS C 103 7.48 -41.03 20.85
N GLN C 104 7.39 -39.76 21.22
CA GLN C 104 8.34 -39.16 22.16
C GLN C 104 7.71 -38.94 23.52
N VAL C 105 6.47 -38.45 23.51
CA VAL C 105 5.75 -38.15 24.75
C VAL C 105 4.58 -39.10 24.95
N ASP C 106 4.51 -39.69 26.13
CA ASP C 106 3.45 -40.64 26.45
C ASP C 106 2.10 -39.96 26.63
N ARG C 107 1.04 -40.76 26.68
CA ARG C 107 -0.32 -40.23 26.82
C ARG C 107 -0.58 -39.71 28.23
N ILE C 108 0.32 -40.03 29.15
CA ILE C 108 0.18 -39.59 30.54
C ILE C 108 0.60 -38.13 30.69
N ASP C 109 1.60 -37.73 29.91
CA ASP C 109 2.12 -36.38 30.01
C ASP C 109 1.35 -35.38 29.15
N TRP C 110 0.43 -35.88 28.34
CA TRP C 110 -0.32 -35.00 27.44
C TRP C 110 -1.33 -34.08 28.15
N PRO C 111 -2.20 -34.63 29.04
CA PRO C 111 -3.20 -33.71 29.58
C PRO C 111 -2.63 -32.67 30.55
N VAL C 112 -1.40 -32.93 31.01
CA VAL C 112 -0.71 -32.03 31.92
C VAL C 112 0.62 -31.59 31.31
N GLY C 113 0.60 -31.34 30.00
CA GLY C 113 1.80 -30.96 29.28
C GLY C 113 2.13 -29.49 29.41
N SER C 114 3.38 -29.15 29.17
CA SER C 114 3.84 -27.76 29.25
C SER C 114 5.08 -27.57 28.37
N PRO C 115 5.24 -26.35 27.80
CA PRO C 115 6.39 -26.01 26.94
C PRO C 115 7.74 -26.22 27.62
N ALA C 116 7.76 -26.24 28.95
CA ALA C 116 8.99 -26.43 29.69
C ALA C 116 9.15 -27.87 30.16
N THR C 117 8.08 -28.65 30.05
CA THR C 117 8.10 -30.03 30.51
C THR C 117 8.27 -31.01 29.35
N ILE C 118 7.68 -30.68 28.21
CA ILE C 118 7.73 -31.54 27.04
C ILE C 118 9.07 -31.44 26.32
N HIS C 119 9.76 -32.57 26.19
CA HIS C 119 11.04 -32.60 25.49
C HIS C 119 10.84 -32.96 24.02
N TYR C 120 10.92 -31.94 23.15
CA TYR C 120 10.69 -32.11 21.73
C TYR C 120 11.21 -30.90 20.94
N PRO C 121 12.53 -30.85 20.70
CA PRO C 121 13.18 -29.71 20.02
C PRO C 121 13.15 -29.83 18.51
N ALA C 122 12.16 -30.54 17.98
CA ALA C 122 12.06 -30.75 16.53
C ALA C 122 11.21 -29.68 15.85
N LEU C 123 10.46 -28.92 16.65
CA LEU C 123 9.59 -27.89 16.09
C LEU C 123 10.37 -26.68 15.58
N ASP C 124 11.36 -26.24 16.36
CA ASP C 124 12.18 -25.10 15.96
C ASP C 124 13.02 -25.42 14.73
N GLY C 125 13.27 -26.71 14.51
CA GLY C 125 14.02 -27.15 13.34
C GLY C 125 13.14 -27.27 12.11
N HIS C 126 12.06 -28.04 12.24
CA HIS C 126 11.17 -28.29 11.12
C HIS C 126 10.47 -27.02 10.61
N LEU C 127 10.33 -26.04 11.49
CA LEU C 127 9.72 -24.77 11.10
C LEU C 127 10.62 -24.03 10.13
N SER C 128 11.93 -24.27 10.25
CA SER C 128 12.91 -23.64 9.37
C SER C 128 13.26 -24.55 8.19
N ARG C 129 13.09 -25.86 8.39
CA ARG C 129 13.33 -26.83 7.34
C ARG C 129 12.23 -26.79 6.29
N TYR C 130 10.99 -26.62 6.75
CA TYR C 130 9.82 -26.64 5.87
C TYR C 130 9.37 -25.25 5.44
N GLN C 131 10.29 -24.29 5.46
CA GLN C 131 9.95 -22.93 5.05
C GLN C 131 9.62 -22.88 3.57
N ASN C 132 10.46 -23.51 2.76
CA ASN C 132 10.24 -23.60 1.33
C ASN C 132 9.77 -25.01 0.95
N PRO C 133 8.51 -25.13 0.49
CA PRO C 133 7.88 -26.41 0.13
C PRO C 133 8.65 -27.23 -0.91
N ARG C 134 9.58 -26.60 -1.62
CA ARG C 134 10.37 -27.31 -2.61
C ARG C 134 11.26 -28.35 -1.95
N GLU C 135 11.63 -28.10 -0.69
CA GLU C 135 12.38 -29.06 0.10
C GLU C 135 11.52 -29.67 1.20
N ALA C 136 10.84 -30.77 0.88
CA ALA C 136 9.97 -31.44 1.83
C ALA C 136 9.86 -32.92 1.50
N ASP C 137 9.85 -33.76 2.53
CA ASP C 137 9.76 -35.21 2.34
C ASP C 137 8.38 -35.63 1.85
N PRO C 138 8.31 -36.26 0.66
CA PRO C 138 7.05 -36.69 0.06
C PRO C 138 6.56 -38.03 0.62
N MET C 139 5.71 -37.97 1.64
CA MET C 139 5.12 -39.17 2.21
C MET C 139 3.81 -39.51 1.50
N THR C 140 3.88 -40.44 0.55
CA THR C 140 2.73 -40.80 -0.26
C THR C 140 1.65 -41.53 0.52
N LYS C 141 2.03 -42.11 1.66
CA LYS C 141 1.09 -42.84 2.49
C LYS C 141 0.09 -41.90 3.17
N VAL C 142 0.52 -40.67 3.44
CA VAL C 142 -0.35 -39.69 4.07
C VAL C 142 -0.85 -38.66 3.06
N GLN C 143 -0.17 -38.56 1.92
CA GLN C 143 -0.56 -37.63 0.88
C GLN C 143 -1.79 -38.13 0.13
N ALA C 144 -1.86 -39.45 -0.04
CA ALA C 144 -3.03 -40.08 -0.65
C ALA C 144 -4.21 -40.04 0.33
N GLU C 145 -3.90 -39.80 1.60
CA GLU C 145 -4.90 -39.68 2.64
C GLU C 145 -5.47 -38.26 2.69
N LEU C 146 -4.61 -37.28 2.41
CA LEU C 146 -5.00 -35.87 2.43
C LEU C 146 -5.93 -35.52 1.27
N ASP C 147 -5.77 -36.21 0.16
CA ASP C 147 -6.53 -35.92 -1.05
C ASP C 147 -8.01 -36.26 -0.91
N GLU C 148 -8.31 -37.39 -0.27
CA GLU C 148 -9.69 -37.83 -0.10
C GLU C 148 -10.31 -37.27 1.19
N THR C 149 -9.80 -36.13 1.64
CA THR C 149 -10.33 -35.48 2.84
C THR C 149 -10.53 -33.99 2.60
N LYS C 150 -11.78 -33.58 2.42
CA LYS C 150 -12.10 -32.17 2.23
C LYS C 150 -11.97 -31.41 3.54
N ILE C 151 -11.44 -30.19 3.46
CA ILE C 151 -11.16 -29.40 4.65
C ILE C 151 -12.18 -28.29 4.84
N ILE C 152 -12.68 -28.14 6.06
CA ILE C 152 -13.65 -27.11 6.39
C ILE C 152 -13.00 -25.72 6.36
N LEU C 153 -13.66 -24.79 5.68
CA LEU C 153 -13.12 -23.44 5.54
C LEU C 153 -13.92 -22.42 6.35
N HIS C 154 -13.22 -21.44 6.91
CA HIS C 154 -13.86 -20.38 7.67
C HIS C 154 -13.41 -19.01 7.16
N ASN C 155 -14.37 -18.20 6.74
CA ASN C 155 -14.08 -16.91 6.11
C ASN C 155 -13.48 -15.89 7.07
N THR C 156 -13.83 -16.01 8.35
CA THR C 156 -13.27 -15.13 9.38
C THR C 156 -13.06 -15.90 10.68
N MET C 157 -12.55 -15.21 11.69
CA MET C 157 -12.40 -15.81 13.01
C MET C 157 -13.75 -15.82 13.71
N GLU C 158 -14.64 -14.94 13.25
CA GLU C 158 -15.98 -14.85 13.81
C GLU C 158 -16.90 -15.91 13.23
N SER C 159 -16.43 -16.60 12.20
CA SER C 159 -17.16 -17.72 11.62
C SER C 159 -17.22 -18.88 12.61
N LEU C 160 -16.17 -19.03 13.40
CA LEU C 160 -16.13 -20.03 14.45
C LEU C 160 -16.91 -19.58 15.68
N LEU C 161 -16.85 -18.27 15.95
CA LEU C 161 -17.51 -17.70 17.11
C LEU C 161 -19.01 -17.93 17.11
N GLU C 162 -19.62 -17.78 18.29
CA GLU C 162 -21.06 -17.91 18.42
C GLU C 162 -21.78 -16.70 17.84
N ARG C 163 -23.09 -16.65 17.99
CA ARG C 163 -23.89 -15.57 17.43
C ARG C 163 -23.78 -14.29 18.26
N GLY C 164 -23.34 -14.44 19.50
CA GLY C 164 -23.23 -13.30 20.39
C GLY C 164 -21.82 -13.05 20.90
N GLU C 165 -20.87 -13.84 20.43
CA GLU C 165 -19.48 -13.70 20.86
C GLU C 165 -18.68 -12.80 19.93
N LYS C 166 -18.08 -11.75 20.48
CA LYS C 166 -17.20 -10.87 19.73
C LYS C 166 -15.74 -11.19 20.06
N LEU C 167 -14.90 -11.17 19.04
CA LEU C 167 -13.48 -11.49 19.21
C LEU C 167 -12.77 -10.44 20.07
N ASP C 168 -13.28 -9.22 20.03
CA ASP C 168 -12.71 -8.13 20.80
C ASP C 168 -12.85 -8.37 22.30
N ASP C 169 -13.89 -9.11 22.68
CA ASP C 169 -14.13 -9.42 24.09
C ASP C 169 -13.24 -10.56 24.56
N LEU C 170 -12.84 -11.43 23.64
CA LEU C 170 -11.97 -12.55 23.98
C LEU C 170 -10.52 -12.11 24.12
N VAL C 171 -10.18 -11.02 23.44
CA VAL C 171 -8.82 -10.47 23.50
C VAL C 171 -8.56 -9.79 24.83
N SER C 172 -9.52 -8.97 25.27
CA SER C 172 -9.37 -8.22 26.51
C SER C 172 -9.56 -9.09 27.76
N LYS C 173 -10.07 -10.31 27.56
CA LYS C 173 -10.30 -11.21 28.67
C LYS C 173 -9.44 -12.47 28.57
N SER C 174 -8.37 -12.38 27.79
CA SER C 174 -7.46 -13.51 27.61
C SER C 174 -6.37 -13.54 28.68
N GLU C 175 -6.01 -14.73 29.12
CA GLU C 175 -4.96 -14.91 30.11
C GLU C 175 -3.63 -15.24 29.44
N VAL C 176 -3.68 -15.44 28.12
CA VAL C 176 -2.48 -15.74 27.35
C VAL C 176 -1.85 -14.45 26.83
N LEU C 177 -2.69 -13.56 26.30
CA LEU C 177 -2.21 -12.27 25.78
C LEU C 177 -1.75 -11.36 26.90
N GLY C 178 -0.80 -10.48 26.58
CA GLY C 178 -0.28 -9.54 27.56
C GLY C 178 -0.92 -8.18 27.43
N THR C 179 -0.62 -7.30 28.38
CA THR C 179 -1.16 -5.95 28.37
C THR C 179 -0.64 -5.15 27.18
N GLN C 180 0.57 -5.45 26.75
CA GLN C 180 1.15 -4.84 25.57
C GLN C 180 0.44 -5.35 24.31
N SER C 181 0.08 -6.62 24.33
CA SER C 181 -0.63 -7.24 23.22
C SER C 181 -2.07 -6.76 23.16
N LYS C 182 -2.69 -6.60 24.33
CA LYS C 182 -4.06 -6.11 24.41
C LYS C 182 -4.18 -4.69 23.87
N ALA C 183 -3.11 -3.91 24.05
CA ALA C 183 -3.08 -2.54 23.55
C ALA C 183 -2.71 -2.49 22.07
N PHE C 184 -2.11 -3.57 21.59
CA PHE C 184 -1.70 -3.66 20.19
C PHE C 184 -2.87 -4.07 19.29
N TYR C 185 -3.71 -4.95 19.81
CA TYR C 185 -4.88 -5.42 19.07
C TYR C 185 -5.89 -4.30 18.86
N LYS C 186 -5.99 -3.41 19.85
CA LYS C 186 -6.90 -2.28 19.78
C LYS C 186 -6.38 -1.22 18.82
N THR C 187 -5.06 -1.19 18.65
CA THR C 187 -4.42 -0.21 17.78
C THR C 187 -4.39 -0.70 16.33
N ALA C 188 -4.26 -2.02 16.16
CA ALA C 188 -4.12 -2.61 14.84
C ALA C 188 -5.41 -2.54 14.02
N ARG C 189 -6.52 -2.97 14.61
CA ARG C 189 -7.78 -3.06 13.89
C ARG C 189 -8.50 -1.72 13.73
N LYS C 190 -8.35 -0.84 14.73
CA LYS C 190 -9.00 0.47 14.67
C LYS C 190 -8.29 1.42 13.72
N GLN C 191 -7.06 1.06 13.32
CA GLN C 191 -6.32 1.84 12.34
C GLN C 191 -6.61 1.36 10.93
N ASN C 192 -6.51 0.05 10.72
CA ASN C 192 -6.80 -0.54 9.42
C ASN C 192 -7.53 -1.88 9.56
P PO4 D . -2.64 -1.84 -1.15
O1 PO4 D . -2.19 -1.06 0.07
O2 PO4 D . -3.09 -0.88 -2.23
O3 PO4 D . -3.78 -2.75 -0.76
O4 PO4 D . -1.50 -2.68 -1.66
P PO4 E . -0.33 -0.20 -4.17
O1 PO4 E . -0.82 1.07 -4.82
O2 PO4 E . -0.32 -0.03 -2.67
O3 PO4 E . -1.24 -1.35 -4.55
O4 PO4 E . 1.08 -0.50 -4.65
ZN ZN F . -7.69 2.13 -0.15
#